data_7FEJ
#
_entry.id   7FEJ
#
_cell.length_a   1.00
_cell.length_b   1.00
_cell.length_c   1.00
_cell.angle_alpha   90.00
_cell.angle_beta   90.00
_cell.angle_gamma   90.00
#
_symmetry.space_group_name_H-M   'P 1'
#
loop_
_entity.id
_entity.type
_entity.pdbx_description
1 polymer 'A/AF/72 VP1'
2 polymer 'A/AF/72 VP2'
3 polymer 'A/AF/72 VP3'
4 polymer 'Capsid protein VP0'
5 polymer 'IG HEAVY CHAIN VARIABLE REGION'
6 polymer 'IG LAMDA CHAIN VARIABLE REGION'
#
loop_
_entity_poly.entity_id
_entity_poly.type
_entity_poly.pdbx_seq_one_letter_code
_entity_poly.pdbx_strand_id
1 'polypeptide(L)'
;TTTTGESADPVTTTVENYGGETQVQRRQHTNVGFIMDRFVKIPSQSPTHVIDLMQTHQHGLVGALLRAATYYFSDLEIVV
RHDDNLTWVPNGAPETALHNTSNPTAYRKGPFTRLALPYTAPHRVLATVYNGTTKYSTGNAGRRGDLGSLAARVAAQLPA
SFNFGAIRATVIHELLVRMKRAELYCPRPLLAVEVTSQDRHKQRIIAPAKQL
;
1
2 'polypeptide(L)'
;DKKTEETTLLEDRILTTRNGHTTSTTQSSVGVTYGYSTGEDHVSGPNTSGLETRVTQAERFFKKHLFDWTTDKAFGHLEK
LELPTDHKGVYGHLVDSFAYMRNGWDVEVSAVGNQFNGGCLLVAMVPEYKDFTLREKYQLTLFPHQFISPRTNMTAHITV
PYLGVNRYDQYKKHKPWTLVVMVLSPLTVNNSGAGQIKVYANIAPTYVHVAGELPSKE
;
2
3 'polypeptide(L)'
;GIVPVACSAGYGGLVTTDPKTADPIYGMVYNPPRTNYPGRFTNLLDVAEACPTFLCFDDGKPYVVTRADGQRLLAKFDVS
LAAKHMSNTYLSGIAQYYAQYSGTINLHFMFTGPTDSKARYMVAYVPPGMETPPDTPEEAAHCIHAEWDTGLNSKFTFSI
PYVSAADYAYTASDVAETTNVQGWVCIYQITHGKAEDDTLVVSLSAGKDFELRLPIDPRSQ
;
3
4 'polypeptide(L)'
;GAGQSSPATGSQNQSGNTGSIINNYYMQQYQNSMDTQLGDNAISGGSNEGSTDTTSTHTNNTQNNDWFSKLASSAFTGLF
GALLA
;
4
5 'polypeptide(L)'
;QVQLRESGPSLVKPSQTLSLTCTVSGFSLSDYAVGWVRQAPGKALEFLGSISTGGNTGYNPALKSRLSITKDNSKNQVSL
SLSSVTTEDTATYYCTKSIHSYSVFEYTYMQYVDAWGQGLLVPVSS
;
H
6 'polypeptide(L)'
;WAQAVLTQPSSVSGSLGQRVSITCSGSSNNIGRYDVGWYQQIPGSGLRTIIYASKNRPSGVPDRFSGSRSGNTATLTISS
LQAEDEADYFCATGDYSSSTSVFGSGTTLTVLGDYKDDDDKGG
;
L
#
# COMPACT_ATOMS: atom_id res chain seq x y z
N THR A 1 23.88 28.58 -11.79
CA THR A 1 23.47 29.06 -10.49
C THR A 1 24.37 28.53 -9.39
N THR A 2 24.67 27.23 -9.43
CA THR A 2 25.45 26.55 -8.40
C THR A 2 24.78 26.68 -7.03
N THR A 3 23.61 26.06 -6.92
CA THR A 3 22.94 25.92 -5.63
C THR A 3 23.42 24.66 -4.92
N THR A 4 23.21 24.64 -3.59
CA THR A 4 23.77 23.58 -2.77
C THR A 4 23.33 22.19 -3.23
N GLY A 5 22.11 22.08 -3.72
CA GLY A 5 21.71 20.90 -4.48
C GLY A 5 21.51 19.62 -3.69
N GLU A 6 22.53 19.20 -2.94
CA GLU A 6 22.44 17.97 -2.18
C GLU A 6 21.17 17.94 -1.34
N SER A 7 20.72 19.10 -0.85
CA SER A 7 19.54 19.17 0.01
C SER A 7 18.98 18.99 -1.40
N ALA A 8 17.71 18.62 -1.53
CA ALA A 8 17.11 18.38 -2.84
C ALA A 8 16.11 19.53 -2.70
N ASP A 9 16.63 20.74 -2.68
CA ASP A 9 15.75 21.89 -2.66
C ASP A 9 15.28 22.22 -4.07
N PRO A 10 14.02 22.59 -4.24
CA PRO A 10 13.52 22.87 -5.59
C PRO A 10 14.13 24.13 -6.14
N VAL A 11 15.09 23.98 -7.06
CA VAL A 11 15.74 25.10 -7.71
C VAL A 11 15.31 25.11 -9.17
N THR A 12 14.95 26.29 -9.65
CA THR A 12 14.62 26.48 -11.05
C THR A 12 15.29 27.75 -11.53
N THR A 13 16.11 27.63 -12.56
CA THR A 13 16.76 28.76 -13.19
C THR A 13 16.07 29.07 -14.49
N THR A 14 16.18 30.32 -14.93
CA THR A 14 15.54 30.77 -16.13
C THR A 14 16.58 31.18 -17.16
N VAL A 15 16.14 31.33 -18.40
CA VAL A 15 17.03 31.82 -19.45
C VAL A 15 17.53 33.21 -19.12
N GLU A 16 16.88 33.93 -18.23
CA GLU A 16 17.37 35.23 -17.82
C GLU A 16 18.83 35.24 -17.39
N ASN A 17 19.36 34.10 -16.96
CA ASN A 17 20.73 34.06 -16.44
C ASN A 17 21.77 34.43 -17.48
N TYR A 18 21.42 34.42 -18.76
CA TYR A 18 22.30 34.99 -19.79
C TYR A 18 21.61 35.84 -20.85
N GLY A 19 21.12 37.00 -20.41
CA GLY A 19 20.59 38.03 -21.28
C GLY A 19 19.53 37.32 -22.07
N GLY A 20 18.63 36.60 -21.46
CA GLY A 20 17.47 36.09 -22.15
C GLY A 20 16.27 36.79 -21.56
N GLU A 21 15.09 36.21 -21.72
CA GLU A 21 13.88 36.71 -21.06
C GLU A 21 13.06 35.44 -21.13
N THR A 22 12.05 35.32 -20.27
CA THR A 22 11.28 34.11 -20.18
C THR A 22 9.94 34.60 -20.69
N GLN A 23 9.41 33.93 -21.70
CA GLN A 23 8.10 34.27 -22.22
C GLN A 23 7.00 33.78 -21.29
N VAL A 24 5.82 34.33 -21.44
CA VAL A 24 4.67 33.88 -20.67
C VAL A 24 4.23 32.45 -20.97
N GLN A 25 3.80 31.74 -19.93
CA GLN A 25 3.33 30.37 -20.07
C GLN A 25 1.82 30.32 -19.91
N ARG A 26 1.18 29.51 -20.75
CA ARG A 26 -0.29 29.33 -20.73
C ARG A 26 -0.12 27.82 -20.56
N ARG A 27 -0.66 27.27 -19.47
CA ARG A 27 -0.52 25.82 -19.19
C ARG A 27 -1.99 25.99 -18.76
N GLN A 28 -2.92 25.76 -19.69
CA GLN A 28 -4.36 25.51 -19.40
C GLN A 28 -4.68 24.09 -19.89
N HIS A 29 -3.72 23.46 -20.59
CA HIS A 29 -3.89 22.10 -21.16
C HIS A 29 -3.27 21.06 -20.21
N THR A 30 -2.10 21.37 -19.64
CA THR A 30 -1.47 20.39 -18.78
C THR A 30 -2.21 21.01 -17.60
N ASN A 31 -3.30 20.39 -17.16
CA ASN A 31 -3.98 20.85 -15.96
C ASN A 31 -4.37 19.39 -15.72
N VAL A 32 -4.77 19.09 -14.48
CA VAL A 32 -5.15 17.72 -14.14
C VAL A 32 -6.65 17.51 -14.14
N GLY A 33 -7.44 18.57 -14.16
CA GLY A 33 -8.86 18.40 -14.37
C GLY A 33 -9.13 18.27 -15.85
N PHE A 34 -8.59 19.20 -16.63
CA PHE A 34 -8.81 19.22 -18.06
C PHE A 34 -8.19 18.01 -18.74
N ILE A 35 -7.20 17.36 -18.12
CA ILE A 35 -6.64 16.15 -18.72
C ILE A 35 -7.32 14.89 -18.21
N MET A 36 -8.04 14.95 -17.11
CA MET A 36 -8.81 13.81 -16.63
C MET A 36 -10.26 13.84 -17.07
N ASP A 37 -10.71 14.89 -17.72
CA ASP A 37 -12.10 14.98 -18.13
C ASP A 37 -12.48 14.06 -19.28
N ARG A 38 -11.55 13.75 -20.18
CA ARG A 38 -11.81 12.79 -21.23
C ARG A 38 -12.11 11.31 -21.01
N PHE A 39 -12.87 10.73 -21.93
CA PHE A 39 -13.26 9.34 -21.81
C PHE A 39 -12.06 8.42 -22.04
N VAL A 40 -12.12 7.24 -21.44
CA VAL A 40 -11.09 6.22 -21.61
C VAL A 40 -11.74 4.86 -21.49
N LYS A 41 -11.38 3.96 -22.39
CA LYS A 41 -12.09 2.69 -22.53
C LYS A 41 -11.55 1.67 -21.52
N ILE A 42 -12.44 1.22 -20.63
CA ILE A 42 -12.10 0.16 -19.63
C ILE A 42 -12.47 -1.19 -20.28
N PRO A 43 -11.71 -2.29 -20.05
CA PRO A 43 -12.05 -3.57 -20.68
C PRO A 43 -13.45 -4.01 -20.21
N SER A 44 -14.29 -4.45 -21.16
CA SER A 44 -15.68 -4.86 -20.86
C SER A 44 -15.76 -6.32 -20.38
N GLN A 45 -16.75 -6.62 -19.52
CA GLN A 45 -17.01 -7.99 -19.02
C GLN A 45 -18.49 -8.31 -19.34
N SER A 46 -18.75 -9.46 -19.96
CA SER A 46 -20.13 -9.82 -20.37
C SER A 46 -21.09 -9.92 -19.17
N PRO A 47 -20.70 -10.59 -18.05
CA PRO A 47 -21.60 -10.74 -16.91
C PRO A 47 -21.20 -10.05 -15.60
N THR A 48 -22.08 -9.20 -15.07
CA THR A 48 -21.84 -8.50 -13.78
C THR A 48 -20.49 -7.78 -13.77
N HIS A 49 -20.17 -7.04 -14.84
CA HIS A 49 -18.87 -6.31 -14.88
C HIS A 49 -18.85 -5.28 -13.75
N VAL A 50 -17.71 -5.15 -13.06
CA VAL A 50 -17.57 -4.16 -11.95
C VAL A 50 -16.85 -2.93 -12.53
N ILE A 51 -17.42 -1.74 -12.32
CA ILE A 51 -16.83 -0.49 -12.88
C ILE A 51 -15.90 0.12 -11.84
N ASP A 52 -14.62 0.30 -12.21
CA ASP A 52 -13.58 0.90 -11.33
C ASP A 52 -12.33 1.15 -12.16
N LEU A 53 -11.49 2.10 -11.71
CA LEU A 53 -10.24 2.40 -12.38
C LEU A 53 -9.14 1.49 -11.85
N MET A 54 -7.97 1.54 -12.54
CA MET A 54 -6.89 0.58 -12.36
C MET A 54 -7.20 -0.66 -13.17
N GLN A 55 -8.25 -0.63 -13.99
CA GLN A 55 -8.48 -1.66 -15.00
C GLN A 55 -8.17 -1.19 -16.40
N THR A 56 -8.06 0.12 -16.61
CA THR A 56 -7.66 0.66 -17.90
C THR A 56 -6.26 0.18 -18.26
N HIS A 57 -5.96 0.23 -19.55
CA HIS A 57 -4.63 -0.15 -19.99
C HIS A 57 -3.61 0.89 -19.52
N GLN A 58 -2.44 0.40 -19.10
CA GLN A 58 -1.49 1.26 -18.40
C GLN A 58 -1.00 2.40 -19.29
N HIS A 59 -0.95 2.18 -20.61
CA HIS A 59 -0.29 3.14 -21.47
C HIS A 59 -1.23 4.19 -22.03
N GLY A 60 -2.54 3.97 -21.98
CA GLY A 60 -3.47 5.02 -22.35
C GLY A 60 -3.28 6.26 -21.50
N LEU A 61 -3.82 7.38 -21.98
CA LEU A 61 -3.57 8.65 -21.30
C LEU A 61 -4.15 8.66 -19.90
N VAL A 62 -5.46 8.44 -19.78
CA VAL A 62 -6.08 8.52 -18.46
C VAL A 62 -5.55 7.41 -17.56
N GLY A 63 -5.32 6.22 -18.12
CA GLY A 63 -4.78 5.15 -17.31
C GLY A 63 -3.41 5.48 -16.74
N ALA A 64 -2.51 5.98 -17.57
CA ALA A 64 -1.17 6.29 -17.11
C ALA A 64 -1.20 7.46 -16.13
N LEU A 65 -1.82 8.56 -16.52
CA LEU A 65 -1.88 9.72 -15.63
C LEU A 65 -2.50 9.32 -14.30
N LEU A 66 -3.52 8.46 -14.32
CA LEU A 66 -4.02 7.86 -13.09
C LEU A 66 -3.03 7.08 -12.24
N ARG A 67 -2.31 6.14 -12.86
CA ARG A 67 -1.24 5.48 -12.12
C ARG A 67 -0.11 6.42 -11.74
N ALA A 68 -0.03 7.59 -12.38
CA ALA A 68 0.90 8.62 -11.95
C ALA A 68 0.70 9.20 -10.57
N ALA A 69 -0.46 9.01 -9.97
CA ALA A 69 -0.74 9.50 -8.63
C ALA A 69 -1.27 8.37 -7.78
N THR A 70 -0.79 8.28 -6.54
CA THR A 70 -1.23 7.19 -5.68
C THR A 70 -2.72 7.33 -5.35
N TYR A 71 -3.11 8.46 -4.80
CA TYR A 71 -4.45 8.67 -4.30
C TYR A 71 -5.21 9.57 -5.25
N TYR A 72 -6.22 9.02 -5.90
CA TYR A 72 -7.06 9.78 -6.81
C TYR A 72 -8.47 9.83 -6.27
N PHE A 73 -9.12 10.97 -6.46
CA PHE A 73 -10.53 11.11 -6.17
C PHE A 73 -11.22 11.63 -7.41
N SER A 74 -12.38 11.06 -7.74
CA SER A 74 -13.08 11.51 -8.93
C SER A 74 -14.45 10.89 -8.99
N ASP A 75 -15.39 11.64 -9.53
CA ASP A 75 -16.70 11.12 -9.88
C ASP A 75 -16.65 10.63 -11.32
N LEU A 76 -17.49 9.67 -11.66
CA LEU A 76 -17.43 9.04 -12.97
C LEU A 76 -18.62 9.48 -13.82
N GLU A 77 -18.46 9.36 -15.13
CA GLU A 77 -19.52 9.59 -16.10
C GLU A 77 -19.08 8.31 -16.80
N ILE A 78 -20.04 7.54 -17.26
CA ILE A 78 -19.78 6.20 -17.76
C ILE A 78 -20.58 6.29 -19.05
N VAL A 79 -20.18 5.48 -20.02
CA VAL A 79 -20.90 5.36 -21.29
C VAL A 79 -20.88 3.89 -21.67
N VAL A 80 -22.02 3.22 -21.58
CA VAL A 80 -22.11 1.80 -21.83
C VAL A 80 -23.09 1.57 -22.96
N ARG A 81 -22.75 0.64 -23.86
CA ARG A 81 -23.70 0.18 -24.87
C ARG A 81 -24.00 -1.28 -24.57
N HIS A 82 -25.06 -1.48 -23.80
CA HIS A 82 -25.49 -2.79 -23.32
C HIS A 82 -26.65 -3.31 -24.15
N ASP A 83 -26.96 -4.52 -24.15
CA ASP A 83 -28.19 -5.07 -24.70
C ASP A 83 -29.50 -5.43 -24.02
N ASP A 84 -29.64 -5.08 -22.75
CA ASP A 84 -30.84 -5.36 -21.98
C ASP A 84 -30.78 -4.17 -21.02
N ASN A 85 -31.73 -4.10 -20.12
CA ASN A 85 -31.66 -3.09 -19.07
C ASN A 85 -30.38 -3.28 -18.27
N LEU A 86 -29.74 -2.16 -17.95
CA LEU A 86 -28.45 -2.14 -17.25
C LEU A 86 -28.66 -1.59 -15.85
N THR A 87 -28.26 -2.35 -14.84
CA THR A 87 -28.47 -1.97 -13.45
C THR A 87 -27.14 -1.69 -12.79
N TRP A 88 -27.12 -0.68 -11.93
CA TRP A 88 -25.93 -0.30 -11.18
C TRP A 88 -26.21 -0.48 -9.70
N VAL A 89 -25.16 -0.60 -8.90
CA VAL A 89 -25.30 -0.68 -7.46
C VAL A 89 -24.24 0.19 -6.82
N PRO A 90 -24.45 0.61 -5.59
CA PRO A 90 -23.42 1.38 -4.89
C PRO A 90 -22.21 0.52 -4.59
N ASN A 91 -21.25 1.08 -3.84
CA ASN A 91 -20.02 0.36 -3.55
C ASN A 91 -19.97 -0.84 -2.60
N GLY A 92 -21.00 -1.00 -1.78
CA GLY A 92 -21.01 -2.06 -0.80
C GLY A 92 -22.16 -3.02 -0.93
N ALA A 93 -22.80 -3.05 -2.10
CA ALA A 93 -23.89 -3.97 -2.35
C ALA A 93 -23.64 -5.45 -2.66
N PRO A 94 -24.32 -6.36 -1.99
CA PRO A 94 -24.10 -7.78 -2.27
C PRO A 94 -24.35 -8.09 -3.74
N GLU A 95 -23.52 -8.97 -4.29
CA GLU A 95 -23.58 -9.27 -5.72
C GLU A 95 -24.96 -9.72 -6.16
N THR A 96 -25.81 -10.16 -5.25
CA THR A 96 -27.16 -10.54 -5.62
C THR A 96 -28.10 -9.35 -5.75
N ALA A 97 -27.64 -8.15 -5.45
CA ALA A 97 -28.48 -6.99 -5.54
C ALA A 97 -28.76 -6.60 -7.00
N LEU A 98 -27.96 -6.99 -7.94
CA LEU A 98 -28.16 -6.64 -9.32
C LEU A 98 -29.46 -7.03 -10.04
N HIS A 99 -30.14 -8.05 -9.51
CA HIS A 99 -31.39 -8.56 -10.16
C HIS A 99 -32.65 -7.83 -9.66
N ASN A 100 -32.55 -7.10 -8.55
CA ASN A 100 -33.74 -6.40 -7.97
C ASN A 100 -34.26 -5.33 -8.94
N THR A 101 -33.36 -4.65 -9.65
CA THR A 101 -33.66 -3.61 -10.67
C THR A 101 -34.49 -2.43 -10.12
N SER A 102 -34.58 -2.25 -8.81
CA SER A 102 -35.35 -1.12 -8.31
C SER A 102 -34.21 -0.16 -8.02
N ASN A 103 -33.04 -0.68 -7.68
CA ASN A 103 -31.82 0.10 -7.64
C ASN A 103 -31.52 0.65 -9.02
N PRO A 104 -30.70 1.71 -9.12
CA PRO A 104 -30.59 2.46 -10.38
C PRO A 104 -30.30 1.67 -11.64
N THR A 105 -31.09 1.96 -12.67
CA THR A 105 -31.01 1.23 -13.92
C THR A 105 -31.14 2.17 -15.11
N ALA A 106 -31.08 1.58 -16.30
CA ALA A 106 -31.25 2.35 -17.53
C ALA A 106 -31.67 1.38 -18.64
N TYR A 107 -32.80 1.65 -19.27
CA TYR A 107 -33.30 0.74 -20.28
C TYR A 107 -32.65 1.01 -21.63
N ARG A 108 -32.76 0.03 -22.51
CA ARG A 108 -32.15 0.14 -23.82
C ARG A 108 -32.72 1.33 -24.56
N LYS A 109 -31.86 2.29 -24.92
CA LYS A 109 -32.26 3.51 -25.60
C LYS A 109 -31.28 3.51 -26.76
N GLY A 110 -31.70 2.95 -27.88
CA GLY A 110 -31.00 3.07 -29.14
C GLY A 110 -29.54 2.76 -28.92
N PRO A 111 -28.67 3.69 -29.25
CA PRO A 111 -27.25 3.54 -28.91
C PRO A 111 -26.88 3.55 -27.44
N PHE A 112 -25.57 3.58 -27.18
CA PHE A 112 -25.01 3.65 -25.85
C PHE A 112 -25.62 4.67 -24.89
N THR A 113 -26.01 4.22 -23.73
CA THR A 113 -26.49 5.12 -22.69
C THR A 113 -25.39 5.75 -21.85
N ARG A 114 -25.54 7.02 -21.53
CA ARG A 114 -24.56 7.77 -20.76
C ARG A 114 -25.10 8.09 -19.38
N LEU A 115 -24.41 7.63 -18.35
CA LEU A 115 -24.84 7.83 -16.97
C LEU A 115 -23.84 8.73 -16.27
N ALA A 116 -24.15 9.11 -15.04
CA ALA A 116 -23.24 9.88 -14.20
C ALA A 116 -23.51 9.00 -12.98
N LEU A 117 -22.45 8.58 -12.31
CA LEU A 117 -22.60 7.71 -11.17
C LEU A 117 -21.58 8.38 -10.25
N PRO A 118 -22.00 8.86 -9.08
CA PRO A 118 -21.07 9.62 -8.25
C PRO A 118 -20.08 8.72 -7.53
N TYR A 119 -19.17 9.33 -6.78
CA TYR A 119 -18.15 8.60 -6.04
C TYR A 119 -18.73 8.15 -4.72
N THR A 120 -18.84 6.83 -4.53
CA THR A 120 -19.55 6.28 -3.40
C THR A 120 -18.65 5.55 -2.40
N ALA A 121 -17.42 5.22 -2.77
CA ALA A 121 -16.58 4.42 -1.90
C ALA A 121 -16.47 5.06 -0.52
N PRO A 122 -16.45 4.28 0.56
CA PRO A 122 -16.39 4.87 1.89
C PRO A 122 -15.02 5.41 2.24
N HIS A 123 -13.97 4.92 1.62
CA HIS A 123 -12.63 5.40 1.92
C HIS A 123 -12.50 6.88 1.58
N ARG A 124 -11.76 7.59 2.42
CA ARG A 124 -11.56 9.03 2.24
C ARG A 124 -11.03 9.49 0.90
N VAL A 125 -10.15 8.70 0.29
CA VAL A 125 -9.67 8.93 -1.07
C VAL A 125 -9.12 7.59 -1.49
N LEU A 126 -9.36 7.22 -2.74
CA LEU A 126 -8.96 5.91 -3.23
C LEU A 126 -7.44 5.84 -3.36
N ALA A 127 -6.95 4.71 -3.87
CA ALA A 127 -5.52 4.51 -4.05
C ALA A 127 -5.27 3.71 -5.31
N THR A 128 -4.12 3.94 -5.93
CA THR A 128 -3.72 3.15 -7.08
C THR A 128 -2.76 2.04 -6.71
N VAL A 129 -2.35 1.98 -5.45
CA VAL A 129 -1.51 0.90 -4.95
C VAL A 129 -1.71 0.79 -3.45
N TYR A 130 -1.76 -0.43 -2.96
CA TYR A 130 -2.08 -0.71 -1.56
C TYR A 130 -1.01 -1.63 -0.99
N ASN A 131 -0.17 -1.10 -0.12
CA ASN A 131 0.90 -1.87 0.50
C ASN A 131 0.30 -2.63 1.68
N GLY A 132 0.23 -3.95 1.55
CA GLY A 132 -0.32 -4.81 2.63
C GLY A 132 -1.78 -5.17 2.37
N THR A 133 -2.07 -6.47 2.28
CA THR A 133 -3.45 -6.96 2.05
C THR A 133 -4.33 -6.59 3.25
N THR A 134 -5.57 -6.15 2.98
CA THR A 134 -6.51 -5.75 4.06
C THR A 134 -7.95 -5.76 3.51
N ALA A 156 -0.09 -8.02 -7.21
CA ALA A 156 -0.72 -7.29 -6.12
C ALA A 156 -2.12 -6.83 -6.52
N GLN A 157 -3.10 -7.11 -5.66
CA GLN A 157 -4.49 -6.75 -5.92
C GLN A 157 -4.93 -5.69 -4.91
N LEU A 158 -5.61 -4.66 -5.40
CA LEU A 158 -6.21 -3.68 -4.52
C LEU A 158 -7.35 -4.31 -3.72
N PRO A 159 -7.60 -3.84 -2.52
CA PRO A 159 -8.70 -4.39 -1.72
C PRO A 159 -10.05 -4.28 -2.43
N ALA A 160 -11.00 -5.07 -1.94
CA ALA A 160 -12.31 -5.16 -2.55
C ALA A 160 -13.10 -3.87 -2.44
N SER A 161 -12.70 -2.95 -1.56
CA SER A 161 -13.45 -1.72 -1.39
C SER A 161 -13.20 -0.51 -2.28
N PHE A 162 -12.24 -0.58 -3.19
CA PHE A 162 -11.90 0.59 -3.99
C PHE A 162 -12.67 0.69 -5.29
N ASN A 163 -13.71 -0.12 -5.49
CA ASN A 163 -14.52 0.01 -6.68
C ASN A 163 -15.58 1.09 -6.49
N PHE A 164 -16.09 1.59 -7.61
CA PHE A 164 -17.18 2.57 -7.54
C PHE A 164 -18.53 1.87 -7.41
N GLY A 165 -18.82 0.97 -8.33
CA GLY A 165 -20.05 0.21 -8.29
C GLY A 165 -19.85 -1.09 -8.99
N ALA A 166 -20.91 -1.59 -9.61
CA ALA A 166 -20.81 -2.79 -10.42
C ALA A 166 -21.96 -2.46 -11.35
N ILE A 167 -21.80 -2.76 -12.63
CA ILE A 167 -22.81 -2.47 -13.63
C ILE A 167 -22.97 -3.86 -14.21
N ARG A 168 -24.22 -4.32 -14.34
CA ARG A 168 -24.50 -5.65 -14.84
C ARG A 168 -25.57 -5.57 -15.90
N ALA A 169 -25.19 -5.87 -17.13
CA ALA A 169 -26.14 -6.09 -18.21
C ALA A 169 -25.95 -7.51 -18.73
N THR A 170 -26.96 -8.00 -19.44
CA THR A 170 -26.87 -9.38 -19.94
C THR A 170 -25.65 -9.56 -20.83
N VAL A 171 -25.33 -8.56 -21.64
CA VAL A 171 -24.09 -8.54 -22.41
C VAL A 171 -23.64 -7.09 -22.53
N ILE A 172 -22.40 -6.81 -22.14
CA ILE A 172 -21.82 -5.47 -22.25
C ILE A 172 -20.82 -5.50 -23.40
N HIS A 173 -20.94 -4.54 -24.31
CA HIS A 173 -20.04 -4.49 -25.46
C HIS A 173 -18.82 -3.63 -25.19
N GLU A 174 -19.03 -2.42 -24.68
CA GLU A 174 -17.93 -1.52 -24.37
C GLU A 174 -18.32 -0.67 -23.18
N LEU A 175 -17.31 -0.09 -22.54
CA LEU A 175 -17.57 0.74 -21.39
C LEU A 175 -16.54 1.83 -21.70
N LEU A 176 -16.94 3.08 -21.51
CA LEU A 176 -16.02 4.18 -21.59
C LEU A 176 -16.26 4.79 -20.20
N VAL A 177 -15.23 5.44 -19.66
CA VAL A 177 -15.30 6.01 -18.32
C VAL A 177 -14.57 7.34 -18.34
N ARG A 178 -15.20 8.38 -17.81
CA ARG A 178 -14.62 9.72 -17.79
C ARG A 178 -14.72 10.25 -16.37
N MET A 179 -13.59 10.63 -15.80
CA MET A 179 -13.53 11.08 -14.42
C MET A 179 -13.76 12.58 -14.35
N LYS A 180 -14.82 12.99 -13.67
CA LYS A 180 -15.13 14.40 -13.51
C LYS A 180 -14.49 14.94 -12.25
N ARG A 181 -14.19 16.24 -12.27
CA ARG A 181 -13.62 17.00 -11.17
C ARG A 181 -12.55 16.22 -10.40
N ALA A 182 -11.73 15.47 -11.13
CA ALA A 182 -10.72 14.65 -10.48
C ALA A 182 -9.68 15.52 -9.80
N GLU A 183 -9.15 15.03 -8.69
CA GLU A 183 -8.00 15.63 -8.04
C GLU A 183 -7.07 14.51 -7.61
N LEU A 184 -5.78 14.66 -7.90
CA LEU A 184 -4.81 13.63 -7.61
C LEU A 184 -4.00 14.01 -6.39
N TYR A 185 -3.16 13.09 -5.93
CA TYR A 185 -2.25 13.33 -4.83
C TYR A 185 -1.04 12.44 -4.97
N CYS A 186 0.07 12.86 -4.34
CA CYS A 186 1.26 12.03 -4.19
C CYS A 186 1.73 11.45 -5.52
N PRO A 187 2.39 12.24 -6.36
CA PRO A 187 2.75 11.76 -7.71
C PRO A 187 3.60 10.50 -7.67
N ARG A 188 3.72 9.87 -8.84
CA ARG A 188 4.40 8.59 -8.98
C ARG A 188 5.12 8.54 -10.32
N PRO A 189 5.98 7.55 -10.56
CA PRO A 189 6.69 7.48 -11.83
C PRO A 189 5.75 7.32 -13.02
N LEU A 190 6.23 7.71 -14.21
CA LEU A 190 5.39 7.73 -15.40
C LEU A 190 5.88 6.88 -16.56
N LEU A 191 7.18 6.61 -16.68
CA LEU A 191 7.68 5.53 -17.56
C LEU A 191 7.36 5.71 -19.05
N ALA A 192 7.97 6.72 -19.64
CA ALA A 192 7.83 6.88 -21.09
C ALA A 192 8.38 5.67 -21.85
N VAL A 193 8.03 5.61 -23.14
CA VAL A 193 8.36 4.45 -23.97
C VAL A 193 9.82 4.05 -23.91
N GLU A 194 10.07 2.76 -24.10
CA GLU A 194 11.43 2.25 -24.20
C GLU A 194 12.06 2.66 -25.53
N VAL A 195 13.36 2.94 -25.50
CA VAL A 195 14.14 3.27 -26.68
C VAL A 195 15.31 2.30 -26.76
N THR A 196 15.77 2.02 -27.98
CA THR A 196 16.83 1.03 -28.21
C THR A 196 17.86 1.57 -29.20
N SER A 197 19.02 1.96 -28.66
CA SER A 197 20.24 2.23 -29.43
C SER A 197 19.98 3.10 -30.65
N GLN A 198 19.28 4.21 -30.42
CA GLN A 198 19.03 5.18 -31.48
C GLN A 198 19.17 6.57 -30.87
N ASP A 199 19.06 7.59 -31.71
CA ASP A 199 19.14 8.95 -31.20
C ASP A 199 17.83 9.36 -30.54
N ARG A 200 16.72 9.09 -31.20
CA ARG A 200 15.40 9.40 -30.67
C ARG A 200 14.46 8.25 -31.02
N HIS A 201 13.25 8.27 -30.47
CA HIS A 201 12.31 7.22 -30.78
C HIS A 201 11.95 7.00 -32.25
N LYS A 202 11.83 8.09 -33.02
CA LYS A 202 11.63 8.01 -34.46
C LYS A 202 10.35 7.24 -34.81
N GLN A 203 9.21 7.78 -34.40
CA GLN A 203 7.92 7.23 -34.78
C GLN A 203 7.35 8.01 -35.95
N ARG A 204 6.68 7.30 -36.86
CA ARG A 204 6.14 7.95 -38.04
C ARG A 204 5.01 8.90 -37.64
N ILE A 205 5.31 10.19 -37.63
CA ILE A 205 4.31 11.19 -37.32
C ILE A 205 3.43 11.36 -38.55
N ILE A 206 2.18 11.79 -38.33
CA ILE A 206 1.25 11.90 -39.45
C ILE A 206 1.74 12.96 -40.41
N ALA A 207 1.68 12.66 -41.69
CA ALA A 207 2.15 13.56 -42.74
C ALA A 207 1.05 13.77 -43.75
N PRO A 208 1.03 14.93 -44.42
CA PRO A 208 0.08 15.16 -45.50
C PRO A 208 0.30 14.14 -46.64
N ALA A 209 -0.66 14.13 -47.56
CA ALA A 209 -0.78 13.05 -48.50
C ALA A 209 0.39 12.66 -49.42
N LYS A 210 1.05 13.66 -49.99
CA LYS A 210 2.10 13.42 -50.97
C LYS A 210 2.51 14.69 -51.71
N ARG B 13 26.62 24.68 9.95
CA ARG B 13 25.17 24.68 9.95
C ARG B 13 24.59 23.56 10.84
N ILE B 14 24.99 23.59 12.11
CA ILE B 14 24.50 22.60 13.07
C ILE B 14 22.99 22.59 13.09
N LEU B 15 22.40 21.40 13.15
CA LEU B 15 20.95 21.25 13.16
C LEU B 15 21.00 20.44 14.45
N THR B 16 20.08 20.71 15.36
CA THR B 16 20.02 20.01 16.64
C THR B 16 18.56 19.61 16.54
N THR B 17 18.32 18.37 16.14
CA THR B 17 16.98 17.82 16.17
C THR B 17 16.61 17.46 17.61
N ARG B 18 15.34 17.15 17.82
CA ARG B 18 14.88 16.73 19.14
C ARG B 18 13.52 16.11 18.95
N ASN B 19 13.22 15.09 19.75
CA ASN B 19 11.91 14.46 19.77
C ASN B 19 11.76 13.82 21.14
N GLY B 20 10.70 14.19 21.84
CA GLY B 20 10.51 13.67 23.19
C GLY B 20 11.69 14.03 24.07
N HIS B 21 12.50 13.03 24.41
CA HIS B 21 13.66 13.25 25.24
C HIS B 21 14.98 12.89 24.57
N THR B 22 14.94 12.25 23.41
CA THR B 22 16.16 11.92 22.70
C THR B 22 16.46 13.00 21.67
N THR B 23 17.73 13.34 21.55
CA THR B 23 18.16 14.37 20.61
C THR B 23 19.12 13.77 19.60
N SER B 24 19.44 14.55 18.57
CA SER B 24 20.39 14.11 17.55
C SER B 24 20.85 15.45 17.02
N THR B 25 22.16 15.65 16.94
CA THR B 25 22.74 16.91 16.52
C THR B 25 23.80 16.49 15.51
N THR B 26 23.62 16.88 14.25
CA THR B 26 24.59 16.59 13.20
C THR B 26 25.14 17.90 12.68
N GLN B 27 26.46 18.08 12.77
CA GLN B 27 27.08 19.30 12.27
C GLN B 27 27.16 19.32 10.76
N SER B 28 26.80 18.23 10.10
CA SER B 28 26.91 18.14 8.65
C SER B 28 25.56 18.11 7.95
N SER B 29 24.46 18.08 8.68
CA SER B 29 23.15 18.04 8.05
C SER B 29 22.97 19.24 7.14
N VAL B 30 22.34 19.02 5.99
CA VAL B 30 22.22 20.06 4.99
C VAL B 30 20.88 20.77 5.15
N GLY B 31 19.89 20.08 5.70
CA GLY B 31 18.61 20.72 5.95
C GLY B 31 17.44 19.77 6.01
N VAL B 32 16.48 20.07 6.88
CA VAL B 32 15.24 19.31 6.93
C VAL B 32 14.45 19.55 5.65
N THR B 33 13.74 18.54 5.19
CA THR B 33 12.93 18.64 3.98
C THR B 33 11.57 18.01 4.23
N TYR B 34 10.56 18.85 4.41
CA TYR B 34 9.20 18.37 4.62
C TYR B 34 8.65 17.81 3.32
N GLY B 35 8.05 16.64 3.40
CA GLY B 35 7.45 16.04 2.23
C GLY B 35 5.95 16.09 2.27
N TYR B 36 5.33 16.60 1.22
CA TYR B 36 3.89 16.55 1.00
C TYR B 36 3.10 17.46 1.93
N SER B 37 3.74 18.01 2.97
CA SER B 37 3.06 18.91 3.89
C SER B 37 4.08 19.57 4.79
N THR B 38 3.62 20.59 5.53
CA THR B 38 4.39 21.15 6.62
C THR B 38 3.72 20.75 7.92
N GLY B 39 2.49 20.28 7.87
CA GLY B 39 1.77 19.88 9.06
C GLY B 39 0.72 18.85 8.73
N GLU B 40 0.27 18.13 9.75
CA GLU B 40 -0.67 17.04 9.56
C GLU B 40 -2.10 17.58 9.56
N ASP B 41 -2.97 16.91 8.82
CA ASP B 41 -4.35 17.34 8.71
C ASP B 41 -5.14 16.95 9.95
N HIS B 42 -6.36 17.48 10.07
CA HIS B 42 -7.09 17.35 11.32
C HIS B 42 -7.27 15.91 11.81
N VAL B 43 -7.26 15.76 13.13
CA VAL B 43 -7.23 14.42 13.73
C VAL B 43 -8.53 13.83 14.28
N SER B 44 -9.46 14.69 14.67
CA SER B 44 -10.68 14.24 15.32
C SER B 44 -11.66 14.35 14.16
N GLY B 45 -12.09 13.22 13.64
CA GLY B 45 -13.00 13.20 12.51
C GLY B 45 -14.11 12.21 12.71
N PRO B 46 -14.98 12.07 11.70
CA PRO B 46 -16.04 11.06 11.80
C PRO B 46 -15.64 9.68 12.28
N ASN B 47 -14.43 9.24 11.99
CA ASN B 47 -13.95 7.99 12.55
C ASN B 47 -13.59 8.19 14.02
N THR B 48 -13.97 7.23 14.86
CA THR B 48 -13.67 7.17 16.29
C THR B 48 -14.47 8.20 17.09
N SER B 49 -15.17 9.09 16.40
CA SER B 49 -16.12 10.00 17.05
C SER B 49 -15.51 10.76 18.23
N GLY B 50 -14.20 10.94 18.21
CA GLY B 50 -13.55 11.70 19.27
C GLY B 50 -13.00 10.89 20.40
N LEU B 51 -12.84 9.58 20.23
CA LEU B 51 -12.21 8.74 21.23
C LEU B 51 -10.71 8.66 21.09
N GLU B 52 -10.12 9.36 20.12
CA GLU B 52 -8.68 9.36 19.98
C GLU B 52 -8.05 10.11 21.15
N THR B 53 -6.87 9.67 21.54
CA THR B 53 -6.16 10.28 22.67
C THR B 53 -4.68 10.36 22.33
N ARG B 54 -4.20 11.57 22.06
CA ARG B 54 -2.83 11.75 21.60
C ARG B 54 -2.00 11.06 22.67
N VAL B 55 -1.06 10.23 22.27
CA VAL B 55 -0.13 9.59 23.19
C VAL B 55 1.15 10.36 22.89
N THR B 56 1.96 10.59 23.91
CA THR B 56 3.20 11.34 23.75
C THR B 56 4.39 10.64 24.37
N GLN B 57 4.25 9.39 24.80
CA GLN B 57 5.39 8.60 25.23
C GLN B 57 6.02 7.82 24.09
N ALA B 58 5.46 7.91 22.88
CA ALA B 58 6.00 7.19 21.75
C ALA B 58 6.84 8.06 20.84
N GLU B 59 6.74 9.37 20.95
CA GLU B 59 7.55 10.26 20.14
C GLU B 59 9.00 10.14 20.59
N ARG B 60 9.79 9.34 19.91
CA ARG B 60 11.13 9.05 20.36
C ARG B 60 11.86 8.73 19.08
N PHE B 61 13.19 8.73 19.15
CA PHE B 61 14.02 8.38 18.01
C PHE B 61 14.36 6.94 18.35
N PHE B 62 14.28 6.05 17.36
CA PHE B 62 14.75 4.69 17.53
C PHE B 62 15.56 4.29 16.32
N LYS B 63 16.74 3.73 16.55
CA LYS B 63 17.62 3.37 15.46
C LYS B 63 17.06 2.19 14.68
N LYS B 64 17.63 1.98 13.50
CA LYS B 64 17.29 0.82 12.68
C LYS B 64 18.41 0.65 11.66
N HIS B 65 19.01 -0.53 11.61
CA HIS B 65 20.11 -0.75 10.70
C HIS B 65 19.62 -0.79 9.26
N LEU B 66 20.55 -0.56 8.32
CA LEU B 66 20.25 -0.63 6.91
C LEU B 66 21.47 -1.21 6.19
N PHE B 67 21.36 -1.32 4.87
CA PHE B 67 22.37 -2.02 4.09
C PHE B 67 23.73 -1.35 4.20
N ASP B 68 24.78 -2.15 4.25
CA ASP B 68 26.14 -1.62 4.30
C ASP B 68 26.52 -1.18 2.89
N TRP B 69 26.34 0.10 2.61
CA TRP B 69 26.67 0.65 1.31
C TRP B 69 28.13 0.37 0.99
N THR B 70 28.37 -0.48 0.00
CA THR B 70 29.69 -1.00 -0.28
C THR B 70 30.21 -0.40 -1.57
N THR B 71 31.50 -0.57 -1.82
CA THR B 71 32.14 0.00 -3.00
C THR B 71 31.40 -0.51 -4.23
N ASP B 72 30.86 -1.73 -4.20
CA ASP B 72 30.41 -2.36 -5.48
C ASP B 72 28.92 -2.30 -5.81
N LYS B 73 28.07 -1.79 -4.92
CA LYS B 73 26.65 -1.74 -5.19
C LYS B 73 26.37 -0.77 -6.32
N ALA B 74 25.99 -1.28 -7.47
CA ALA B 74 25.83 -0.46 -8.66
C ALA B 74 24.52 0.32 -8.58
N PHE B 75 24.34 1.26 -9.50
CA PHE B 75 23.12 2.05 -9.51
C PHE B 75 21.84 1.24 -9.38
N GLY B 76 21.03 1.59 -8.39
CA GLY B 76 19.71 0.99 -8.26
C GLY B 76 19.62 -0.15 -7.28
N HIS B 77 20.26 0.00 -6.11
CA HIS B 77 20.15 -1.00 -5.01
C HIS B 77 19.11 -0.41 -4.06
N LEU B 78 17.85 -0.84 -4.17
CA LEU B 78 16.77 -0.20 -3.43
C LEU B 78 16.82 -1.10 -2.21
N GLU B 79 17.01 -0.51 -1.05
CA GLU B 79 16.97 -1.22 0.22
C GLU B 79 15.80 -0.42 0.75
N LYS B 80 14.72 -1.12 1.08
CA LYS B 80 13.49 -0.49 1.51
C LYS B 80 13.50 -0.83 2.99
N LEU B 81 12.61 -0.17 3.72
CA LEU B 81 12.34 -0.50 5.11
C LEU B 81 10.87 -0.15 4.94
N GLU B 82 10.01 -0.73 5.76
CA GLU B 82 8.59 -0.50 5.61
C GLU B 82 8.42 0.08 7.00
N LEU B 83 7.45 0.98 7.14
CA LEU B 83 7.23 1.69 8.38
C LEU B 83 5.76 1.58 8.77
N PRO B 84 5.44 1.32 10.04
CA PRO B 84 6.40 1.12 11.11
C PRO B 84 6.99 -0.28 11.10
N THR B 85 8.32 -0.37 11.20
CA THR B 85 8.95 -1.67 11.28
C THR B 85 8.93 -2.13 12.73
N ASP B 86 9.49 -3.28 13.00
CA ASP B 86 9.22 -4.04 14.21
C ASP B 86 9.95 -3.25 15.28
N HIS B 87 9.20 -2.46 16.04
CA HIS B 87 9.72 -1.77 17.21
C HIS B 87 9.35 -2.60 18.43
N LYS B 88 10.30 -2.73 19.35
CA LYS B 88 10.09 -3.61 20.51
C LYS B 88 9.88 -2.85 21.80
N GLY B 89 9.99 -1.53 21.78
CA GLY B 89 9.84 -0.76 23.01
C GLY B 89 8.44 -0.21 23.21
N VAL B 90 8.36 1.10 23.49
CA VAL B 90 7.07 1.70 23.80
C VAL B 90 6.17 1.69 22.58
N TYR B 91 6.71 2.03 21.41
CA TYR B 91 5.88 2.03 20.21
C TYR B 91 5.41 0.62 19.87
N GLY B 92 6.24 -0.37 20.13
CA GLY B 92 5.82 -1.75 19.88
C GLY B 92 4.69 -2.18 20.80
N HIS B 93 4.86 -1.94 22.10
CA HIS B 93 3.78 -2.22 23.03
C HIS B 93 2.51 -1.48 22.63
N LEU B 94 2.65 -0.24 22.17
CA LEU B 94 1.49 0.54 21.75
C LEU B 94 0.73 0.08 20.51
N VAL B 95 1.47 -0.39 19.50
CA VAL B 95 0.83 -0.82 18.26
C VAL B 95 0.32 -2.23 18.54
N ASP B 96 0.93 -2.93 19.49
CA ASP B 96 0.36 -4.18 19.96
C ASP B 96 -0.99 -4.04 20.66
N SER B 97 -1.11 -3.11 21.59
CA SER B 97 -2.31 -3.00 22.42
C SER B 97 -3.23 -1.85 22.04
N PHE B 98 -3.19 -1.38 20.81
CA PHE B 98 -4.15 -0.39 20.34
C PHE B 98 -4.58 -0.72 18.92
N ALA B 99 -5.87 -0.56 18.66
CA ALA B 99 -6.43 -0.99 17.38
C ALA B 99 -6.00 -0.08 16.24
N TYR B 100 -6.21 1.22 16.38
CA TYR B 100 -5.94 2.19 15.33
C TYR B 100 -4.94 3.21 15.83
N MET B 101 -4.08 3.69 14.92
CA MET B 101 -3.18 4.77 15.25
C MET B 101 -2.84 5.55 13.98
N ARG B 102 -2.07 6.61 14.15
CA ARG B 102 -1.64 7.46 13.05
C ARG B 102 -0.39 8.20 13.50
N ASN B 103 0.47 8.58 12.56
CA ASN B 103 1.69 9.27 12.96
C ASN B 103 2.18 10.06 11.76
N GLY B 104 3.10 10.98 12.02
CA GLY B 104 3.95 11.49 10.95
C GLY B 104 5.28 10.93 11.41
N TRP B 105 6.29 10.97 10.53
CA TRP B 105 7.42 10.08 10.73
C TRP B 105 8.48 11.07 10.27
N ASP B 106 9.31 11.61 11.16
CA ASP B 106 10.36 12.56 10.76
C ASP B 106 11.52 11.57 10.76
N VAL B 107 11.77 10.98 9.60
CA VAL B 107 12.89 10.06 9.48
C VAL B 107 14.20 10.85 9.42
N GLU B 108 15.31 10.16 9.66
CA GLU B 108 16.62 10.78 9.58
C GLU B 108 17.47 9.57 9.28
N VAL B 109 18.49 9.74 8.45
CA VAL B 109 19.31 8.64 7.97
C VAL B 109 20.71 9.22 7.84
N SER B 110 21.72 8.43 8.21
CA SER B 110 23.09 8.90 8.26
C SER B 110 23.99 7.98 7.45
N ALA B 111 25.11 8.52 6.98
CA ALA B 111 26.11 7.74 6.24
C ALA B 111 27.27 8.60 6.72
N VAL B 112 28.28 7.92 7.28
CA VAL B 112 29.47 8.59 7.87
C VAL B 112 30.29 8.31 6.60
N GLY B 113 30.87 9.35 6.01
CA GLY B 113 31.71 9.21 4.81
C GLY B 113 32.96 9.85 5.34
N ASN B 114 34.13 9.48 4.77
CA ASN B 114 35.44 10.03 5.21
C ASN B 114 35.73 11.37 4.52
N GLN B 115 34.87 11.77 3.56
CA GLN B 115 34.90 13.02 2.73
C GLN B 115 35.95 12.90 1.62
N PHE B 116 36.46 11.69 1.39
CA PHE B 116 37.47 11.42 0.33
C PHE B 116 36.94 10.31 -0.58
N ASN B 117 35.80 9.71 -0.21
CA ASN B 117 35.22 8.66 -1.03
C ASN B 117 33.92 9.16 -1.64
N GLY B 118 33.92 9.37 -2.95
CA GLY B 118 32.76 9.93 -3.61
C GLY B 118 31.64 8.91 -3.70
N GLY B 119 30.42 9.42 -3.71
CA GLY B 119 29.25 8.58 -3.82
C GLY B 119 28.03 9.41 -3.55
N CYS B 120 26.90 9.04 -4.12
CA CYS B 120 25.68 9.81 -3.95
C CYS B 120 24.55 8.85 -3.64
N LEU B 121 24.15 8.81 -2.39
CA LEU B 121 23.00 8.03 -1.95
C LEU B 121 21.76 8.90 -2.09
N LEU B 122 20.63 8.28 -2.33
CA LEU B 122 19.35 8.98 -2.43
C LEU B 122 18.35 8.29 -1.52
N VAL B 123 17.96 8.95 -0.46
CA VAL B 123 16.94 8.43 0.44
C VAL B 123 15.62 9.10 0.09
N ALA B 124 14.53 8.36 0.19
CA ALA B 124 13.23 8.88 -0.21
C ALA B 124 12.13 8.10 0.47
N MET B 125 11.28 8.81 1.21
CA MET B 125 10.14 8.20 1.90
C MET B 125 9.02 8.04 0.89
N VAL B 126 9.04 6.94 0.15
CA VAL B 126 8.02 6.69 -0.86
C VAL B 126 6.77 6.14 -0.18
N PRO B 127 5.59 6.64 -0.50
CA PRO B 127 4.37 6.09 0.06
C PRO B 127 3.82 4.93 -0.74
N GLU B 128 3.19 4.00 -0.04
CA GLU B 128 2.53 2.84 -0.65
C GLU B 128 3.45 2.06 -1.60
N TYR B 129 4.58 1.65 -1.06
CA TYR B 129 5.59 0.99 -1.88
C TYR B 129 5.04 -0.19 -2.68
N LYS B 130 5.18 -0.08 -3.99
CA LYS B 130 5.06 -1.22 -4.88
C LYS B 130 6.41 -1.44 -5.53
N ASP B 131 6.57 -2.60 -6.16
CA ASP B 131 7.84 -2.88 -6.80
C ASP B 131 8.24 -1.99 -7.97
N PHE B 132 9.55 -1.78 -8.11
CA PHE B 132 10.12 -0.96 -9.21
C PHE B 132 10.61 -1.89 -10.32
N THR B 133 10.38 -1.52 -11.57
CA THR B 133 10.77 -2.34 -12.76
C THR B 133 12.18 -1.96 -13.23
N LEU B 134 12.82 -1.01 -12.53
CA LEU B 134 14.19 -0.42 -12.69
C LEU B 134 14.18 0.68 -13.76
N ARG B 135 13.00 0.97 -14.32
CA ARG B 135 12.80 2.11 -15.24
C ARG B 135 12.25 3.26 -14.40
N GLU B 136 11.46 2.89 -13.37
CA GLU B 136 10.83 3.81 -12.39
C GLU B 136 11.88 4.46 -11.48
N LYS B 137 13.03 3.79 -11.32
CA LYS B 137 14.12 4.26 -10.44
C LYS B 137 14.80 5.49 -11.06
N TYR B 138 14.69 5.64 -12.38
CA TYR B 138 15.27 6.81 -13.09
C TYR B 138 14.57 8.09 -12.61
N GLN B 139 13.26 8.01 -12.39
CA GLN B 139 12.47 9.18 -11.91
C GLN B 139 11.71 8.74 -10.66
N LEU B 140 12.46 8.42 -9.60
CA LEU B 140 11.88 7.99 -8.29
C LEU B 140 11.89 9.23 -7.39
N THR B 141 12.58 10.26 -7.86
CA THR B 141 12.70 11.60 -7.20
C THR B 141 11.37 12.30 -6.89
N LEU B 142 10.26 11.93 -7.54
CA LEU B 142 8.94 12.58 -7.30
C LEU B 142 8.61 12.60 -5.81
N PHE B 143 8.88 11.51 -5.08
CA PHE B 143 8.61 11.35 -3.63
C PHE B 143 9.56 12.23 -2.81
N PRO B 144 9.23 12.62 -1.57
CA PRO B 144 10.13 13.47 -0.77
C PRO B 144 11.44 12.70 -0.61
N HIS B 145 12.57 13.38 -0.84
CA HIS B 145 13.89 12.68 -0.77
C HIS B 145 15.01 13.67 -0.47
N GLN B 146 16.15 13.15 0.00
CA GLN B 146 17.36 13.96 0.28
C GLN B 146 18.54 13.18 -0.31
N PHE B 147 19.59 13.87 -0.76
CA PHE B 147 20.72 13.18 -1.38
C PHE B 147 21.70 13.13 -0.23
N ILE B 148 22.28 11.96 0.01
CA ILE B 148 23.37 11.78 0.96
C ILE B 148 24.62 11.54 0.13
N SER B 149 25.59 12.44 0.23
CA SER B 149 26.84 12.28 -0.50
C SER B 149 27.98 12.65 0.43
N PRO B 150 28.89 11.73 0.75
CA PRO B 150 29.97 12.04 1.67
C PRO B 150 30.68 13.34 1.35
N ARG B 151 30.68 13.74 0.08
CA ARG B 151 31.23 15.03 -0.29
C ARG B 151 30.84 16.20 0.62
N THR B 152 29.54 16.41 0.82
CA THR B 152 29.06 17.55 1.60
C THR B 152 28.21 17.34 2.84
N ASN B 153 27.49 16.22 2.94
CA ASN B 153 26.53 16.03 4.01
C ASN B 153 26.44 14.53 4.21
N MET B 154 26.73 14.08 5.42
CA MET B 154 26.61 12.68 5.77
C MET B 154 25.25 12.33 6.36
N THR B 155 24.28 13.22 6.24
CA THR B 155 23.03 13.09 6.97
C THR B 155 21.88 13.70 6.17
N ALA B 156 20.76 12.98 6.12
CA ALA B 156 19.55 13.46 5.48
C ALA B 156 18.40 13.39 6.46
N HIS B 157 17.56 14.41 6.49
CA HIS B 157 16.52 14.55 7.50
C HIS B 157 15.21 14.84 6.79
N ILE B 158 14.34 13.83 6.69
CA ILE B 158 13.06 13.94 6.01
C ILE B 158 11.97 13.85 7.06
N THR B 159 10.91 14.63 6.89
CA THR B 159 9.72 14.48 7.72
C THR B 159 8.50 14.43 6.80
N VAL B 160 7.68 13.41 6.97
CA VAL B 160 6.47 13.29 6.15
C VAL B 160 5.27 13.06 7.06
N PRO B 161 4.10 13.58 6.72
CA PRO B 161 2.91 13.37 7.54
C PRO B 161 2.19 12.10 7.12
N TYR B 162 1.41 11.57 8.06
CA TYR B 162 0.65 10.37 7.79
C TYR B 162 -0.40 10.63 6.72
N LEU B 163 -0.33 9.86 5.64
CA LEU B 163 -1.33 9.94 4.59
C LEU B 163 -1.71 8.52 4.19
N GLY B 164 -3.01 8.22 4.30
CA GLY B 164 -3.53 6.92 3.94
C GLY B 164 -4.98 7.09 3.55
N VAL B 165 -5.53 6.04 2.96
CA VAL B 165 -6.92 6.09 2.53
C VAL B 165 -7.81 6.46 3.70
N ASN B 166 -7.47 6.03 4.91
CA ASN B 166 -8.25 6.31 6.09
C ASN B 166 -7.65 7.33 7.06
N ARG B 167 -8.45 7.74 8.04
CA ARG B 167 -7.88 8.55 9.10
C ARG B 167 -6.88 7.73 9.91
N TYR B 168 -7.30 6.58 10.42
CA TYR B 168 -6.44 5.65 11.12
C TYR B 168 -6.46 4.31 10.41
N ASP B 169 -5.44 3.50 10.67
CA ASP B 169 -5.41 2.18 10.05
C ASP B 169 -4.46 1.27 10.81
N GLN B 170 -4.89 0.02 10.98
CA GLN B 170 -4.09 -0.97 11.70
C GLN B 170 -2.70 -1.06 11.10
N TYR B 171 -1.67 -0.79 11.90
CA TYR B 171 -0.32 -0.90 11.36
C TYR B 171 0.12 -2.31 11.05
N LYS B 172 -0.51 -3.33 11.63
CA LYS B 172 -0.28 -4.69 11.17
C LYS B 172 -0.64 -5.11 9.76
N LYS B 173 -1.50 -4.36 9.08
CA LYS B 173 -1.99 -4.70 7.73
C LYS B 173 -1.72 -3.79 6.58
N HIS B 174 -1.59 -2.49 6.83
CA HIS B 174 -1.44 -1.48 5.75
C HIS B 174 -0.38 -0.55 6.31
N LYS B 175 0.88 -0.78 5.91
CA LYS B 175 2.00 0.03 6.34
C LYS B 175 2.32 1.04 5.25
N PRO B 176 1.87 2.29 5.35
CA PRO B 176 1.94 3.20 4.20
C PRO B 176 3.34 3.55 3.75
N TRP B 177 4.15 4.15 4.63
CA TRP B 177 5.46 4.64 4.22
C TRP B 177 6.47 3.51 4.18
N THR B 178 7.42 3.61 3.26
CA THR B 178 8.56 2.69 3.20
C THR B 178 9.78 3.49 2.78
N LEU B 179 10.66 3.77 3.72
CA LEU B 179 11.91 4.47 3.41
C LEU B 179 12.72 3.63 2.43
N VAL B 180 12.91 4.14 1.22
CA VAL B 180 13.76 3.46 0.25
C VAL B 180 15.03 4.27 0.05
N VAL B 181 16.11 3.57 -0.25
CA VAL B 181 17.43 4.17 -0.32
C VAL B 181 18.14 3.65 -1.57
N MET B 182 18.16 4.44 -2.62
CA MET B 182 18.83 4.05 -3.85
C MET B 182 20.26 4.57 -3.84
N VAL B 183 21.12 3.91 -4.62
CA VAL B 183 22.54 4.20 -4.65
C VAL B 183 22.88 4.69 -6.06
N LEU B 184 22.96 6.01 -6.23
CA LEU B 184 23.21 6.57 -7.55
C LEU B 184 24.61 6.54 -8.16
N SER B 185 25.61 6.44 -7.32
CA SER B 185 26.97 6.44 -7.82
C SER B 185 27.65 5.48 -6.86
N PRO B 186 28.36 4.49 -7.36
CA PRO B 186 29.03 3.54 -6.47
C PRO B 186 30.03 4.26 -5.58
N LEU B 187 30.07 3.87 -4.31
CA LEU B 187 31.06 4.39 -3.39
C LEU B 187 32.38 4.21 -4.11
N THR B 188 33.18 5.25 -4.21
CA THR B 188 34.46 5.16 -4.92
C THR B 188 35.18 5.38 -3.60
N VAL B 189 36.14 4.49 -3.34
CA VAL B 189 36.93 4.61 -2.11
C VAL B 189 38.26 4.91 -2.80
N ASN B 190 38.85 6.03 -2.44
CA ASN B 190 40.17 6.40 -2.92
C ASN B 190 41.22 5.90 -1.94
N ASN B 191 42.44 6.43 -2.07
CA ASN B 191 43.54 6.02 -1.20
C ASN B 191 43.17 6.12 0.27
N SER B 192 42.41 7.15 0.66
CA SER B 192 42.15 7.42 2.06
C SER B 192 40.70 7.27 2.48
N GLY B 193 39.78 7.07 1.56
CA GLY B 193 38.39 6.93 1.92
C GLY B 193 38.05 5.57 2.51
N ALA B 194 36.92 5.55 3.22
CA ALA B 194 36.47 4.32 3.85
C ALA B 194 36.13 3.17 2.90
N GLY B 195 36.50 1.96 3.29
CA GLY B 195 36.25 0.80 2.44
C GLY B 195 34.77 0.44 2.38
N GLN B 196 34.07 0.54 3.51
CA GLN B 196 32.69 0.10 3.62
C GLN B 196 31.95 1.03 4.55
N ILE B 197 30.93 1.72 4.05
CA ILE B 197 30.17 2.69 4.81
C ILE B 197 28.76 2.16 5.03
N LYS B 198 28.38 2.05 6.30
CA LYS B 198 27.04 1.53 6.67
C LYS B 198 26.09 2.72 6.81
N VAL B 199 24.78 2.49 6.60
CA VAL B 199 23.79 3.60 6.74
C VAL B 199 22.83 3.25 7.87
N TYR B 200 22.79 4.08 8.92
CA TYR B 200 21.88 3.87 10.06
C TYR B 200 20.85 5.00 10.05
N ALA B 201 19.58 4.67 9.84
CA ALA B 201 18.52 5.70 9.76
C ALA B 201 17.70 5.70 11.04
N ASN B 202 17.57 6.87 11.67
CA ASN B 202 16.76 7.00 12.91
C ASN B 202 15.38 7.49 12.50
N ILE B 203 14.34 6.69 12.78
CA ILE B 203 12.95 7.06 12.39
C ILE B 203 12.19 7.42 13.66
N ALA B 204 11.62 8.63 13.71
CA ALA B 204 10.88 9.06 14.91
C ALA B 204 9.40 9.29 14.56
N PRO B 205 8.45 8.58 15.23
CA PRO B 205 7.02 8.79 14.96
C PRO B 205 6.69 10.19 15.52
N THR B 206 5.87 10.97 14.81
CA THR B 206 5.52 12.33 15.29
C THR B 206 4.01 12.51 15.28
N TYR B 207 3.49 13.32 16.21
CA TYR B 207 2.03 13.58 16.33
C TYR B 207 1.27 12.25 16.33
N VAL B 208 1.80 11.24 17.04
CA VAL B 208 1.13 9.95 17.07
C VAL B 208 -0.15 10.05 17.88
N HIS B 209 -1.21 9.43 17.38
CA HIS B 209 -2.45 9.23 18.12
C HIS B 209 -2.76 7.75 18.20
N VAL B 210 -3.80 7.42 18.94
CA VAL B 210 -4.30 6.06 19.06
C VAL B 210 -5.82 6.11 19.18
N ALA B 211 -6.42 4.92 19.17
CA ALA B 211 -7.88 4.65 19.29
C ALA B 211 -8.11 3.14 19.30
N GLY B 212 -9.36 2.72 19.52
CA GLY B 212 -9.71 1.29 19.47
C GLY B 212 -8.90 0.45 20.43
N GLU B 213 -8.98 0.72 21.74
CA GLU B 213 -8.22 -0.09 22.72
C GLU B 213 -8.63 -1.56 22.53
N LEU B 214 -7.64 -2.46 22.47
CA LEU B 214 -7.89 -3.90 22.21
C LEU B 214 -7.67 -4.72 23.48
N PRO B 215 -8.61 -5.62 23.87
CA PRO B 215 -8.47 -6.43 25.07
C PRO B 215 -7.23 -7.34 24.99
N SER B 216 -6.18 -6.98 25.72
CA SER B 216 -4.93 -7.73 25.76
C SER B 216 -5.10 -8.96 26.64
N LYS B 217 -4.41 -10.02 26.24
CA LYS B 217 -4.54 -11.31 26.91
C LYS B 217 -3.67 -11.37 28.15
N GLY C 1 -38.06 30.79 -38.50
CA GLY C 1 -36.75 30.55 -37.93
C GLY C 1 -36.78 29.56 -36.78
N ILE C 2 -36.93 28.29 -37.11
CA ILE C 2 -36.93 27.24 -36.11
C ILE C 2 -35.65 27.32 -35.31
N VAL C 3 -35.74 27.19 -34.00
CA VAL C 3 -34.54 27.18 -33.16
C VAL C 3 -33.86 25.82 -33.30
N PRO C 4 -32.60 25.79 -33.74
CA PRO C 4 -31.91 24.50 -33.92
C PRO C 4 -31.46 23.94 -32.58
N VAL C 5 -32.12 22.89 -32.14
CA VAL C 5 -31.88 22.38 -30.80
C VAL C 5 -30.71 21.40 -30.77
N ALA C 6 -30.50 20.64 -31.84
CA ALA C 6 -29.41 19.68 -31.92
C ALA C 6 -29.46 18.66 -30.79
N CYS C 7 -30.52 17.86 -30.80
CA CYS C 7 -30.75 16.91 -29.72
C CYS C 7 -29.53 16.03 -29.52
N SER C 8 -29.21 15.77 -28.25
CA SER C 8 -28.01 15.01 -27.95
C SER C 8 -28.25 13.52 -28.08
N ALA C 9 -27.16 12.77 -28.04
CA ALA C 9 -27.20 11.33 -28.18
C ALA C 9 -26.58 10.67 -26.95
N GLY C 10 -26.98 9.44 -26.70
CA GLY C 10 -26.43 8.68 -25.61
C GLY C 10 -27.24 8.68 -24.33
N TYR C 11 -27.83 9.81 -23.97
CA TYR C 11 -28.62 9.89 -22.76
C TYR C 11 -30.01 10.44 -23.07
N GLY C 12 -30.93 10.11 -22.18
CA GLY C 12 -32.32 10.50 -22.35
C GLY C 12 -33.29 9.42 -21.93
N GLY C 13 -32.87 8.16 -22.03
CA GLY C 13 -33.69 7.08 -21.53
C GLY C 13 -33.87 7.18 -20.03
N LEU C 14 -34.95 6.58 -19.52
CA LEU C 14 -35.23 6.74 -18.11
C LEU C 14 -34.25 5.94 -17.28
N VAL C 15 -34.03 6.41 -16.06
CA VAL C 15 -33.24 5.70 -15.06
C VAL C 15 -34.17 5.39 -13.90
N THR C 16 -34.01 4.20 -13.32
CA THR C 16 -34.94 3.71 -12.34
C THR C 16 -35.11 4.75 -11.23
N THR C 17 -34.05 5.45 -10.84
CA THR C 17 -34.13 6.51 -9.85
C THR C 17 -33.51 7.56 -10.76
N ASP C 18 -34.26 8.59 -11.11
CA ASP C 18 -33.79 9.56 -12.10
C ASP C 18 -34.79 10.58 -11.54
N PRO C 19 -34.33 11.71 -11.01
CA PRO C 19 -35.27 12.75 -10.60
C PRO C 19 -35.90 13.45 -11.78
N LYS C 20 -37.15 13.13 -12.07
CA LYS C 20 -37.82 13.69 -13.24
C LYS C 20 -39.29 13.50 -12.92
N THR C 21 -40.15 14.23 -13.62
CA THR C 21 -41.58 14.15 -13.43
C THR C 21 -42.12 13.75 -14.80
N ALA C 22 -43.35 13.25 -14.79
CA ALA C 22 -43.97 12.76 -16.02
C ALA C 22 -45.00 13.77 -16.50
N ASP C 23 -45.57 13.52 -17.68
CA ASP C 23 -46.65 14.31 -18.22
C ASP C 23 -48.00 13.98 -17.62
N PRO C 24 -48.64 14.89 -16.91
CA PRO C 24 -49.90 14.54 -16.22
C PRO C 24 -50.99 14.18 -17.20
N ILE C 25 -51.99 13.47 -16.71
CA ILE C 25 -53.10 12.99 -17.53
C ILE C 25 -54.50 13.31 -17.04
N TYR C 26 -54.73 13.53 -15.81
CA TYR C 26 -56.10 13.67 -15.31
C TYR C 26 -56.02 15.08 -14.72
N GLY C 27 -57.17 15.71 -14.59
CA GLY C 27 -57.22 17.10 -14.18
C GLY C 27 -56.86 17.33 -12.73
N MET C 28 -57.32 18.46 -12.18
CA MET C 28 -57.07 18.75 -10.78
C MET C 28 -57.99 17.95 -9.88
N VAL C 29 -57.40 17.21 -8.94
CA VAL C 29 -58.15 16.44 -7.97
C VAL C 29 -57.78 16.93 -6.58
N TYR C 30 -58.78 17.31 -5.80
CA TYR C 30 -58.57 17.84 -4.46
C TYR C 30 -58.71 16.69 -3.47
N ASN C 31 -57.61 15.99 -3.22
CA ASN C 31 -57.63 14.80 -2.40
C ASN C 31 -58.26 15.10 -1.04
N PRO C 32 -58.89 14.10 -0.41
CA PRO C 32 -59.53 14.33 0.88
C PRO C 32 -58.52 14.84 1.89
N PRO C 33 -58.92 15.81 2.70
CA PRO C 33 -57.95 16.49 3.56
C PRO C 33 -57.66 15.73 4.84
N ARG C 34 -56.38 15.62 5.17
CA ARG C 34 -55.94 15.16 6.48
C ARG C 34 -54.93 16.17 7.01
N THR C 35 -55.19 16.68 8.19
CA THR C 35 -54.30 17.63 8.84
C THR C 35 -53.95 17.11 10.21
N ASN C 36 -52.68 17.26 10.58
CA ASN C 36 -52.10 16.66 11.78
C ASN C 36 -52.62 15.25 11.99
N TYR C 37 -52.71 14.48 10.91
CA TYR C 37 -52.99 13.07 11.03
C TYR C 37 -51.94 12.43 11.93
N PRO C 38 -52.33 11.53 12.83
CA PRO C 38 -51.41 11.10 13.87
C PRO C 38 -50.41 10.06 13.37
N GLY C 39 -49.18 10.18 13.84
CA GLY C 39 -48.20 9.14 13.62
C GLY C 39 -47.38 9.28 12.37
N ARG C 40 -47.21 10.48 11.85
CA ARG C 40 -46.42 10.66 10.64
C ARG C 40 -44.94 10.59 10.97
N PHE C 41 -44.24 9.63 10.37
CA PHE C 41 -42.80 9.55 10.50
C PHE C 41 -42.17 9.86 9.16
N THR C 42 -41.14 10.70 9.17
CA THR C 42 -40.53 11.19 7.95
C THR C 42 -39.16 10.61 7.66
N ASN C 43 -38.35 10.34 8.68
CA ASN C 43 -37.11 9.62 8.51
C ASN C 43 -37.28 8.22 9.04
N LEU C 44 -37.02 7.22 8.20
CA LEU C 44 -37.00 5.86 8.72
C LEU C 44 -36.10 5.76 9.93
N LEU C 45 -34.94 6.39 9.88
CA LEU C 45 -34.04 6.38 11.02
C LEU C 45 -34.64 7.09 12.22
N ASP C 46 -35.55 8.04 11.98
CA ASP C 46 -36.26 8.66 13.08
C ASP C 46 -37.07 7.64 13.86
N VAL C 47 -37.70 6.70 13.16
CA VAL C 47 -38.42 5.64 13.85
C VAL C 47 -37.46 4.80 14.67
N ALA C 48 -36.41 4.27 14.04
CA ALA C 48 -35.49 3.39 14.73
C ALA C 48 -34.80 4.10 15.88
N GLU C 49 -34.67 5.43 15.81
CA GLU C 49 -34.01 6.16 16.88
C GLU C 49 -34.84 6.16 18.15
N ALA C 50 -36.15 6.04 18.02
CA ALA C 50 -37.06 6.12 19.16
C ALA C 50 -37.41 4.77 19.76
N CYS C 51 -37.71 3.78 18.93
CA CYS C 51 -38.24 2.52 19.43
C CYS C 51 -37.12 1.52 19.64
N PRO C 52 -36.94 1.03 20.85
CA PRO C 52 -35.96 -0.04 21.08
C PRO C 52 -36.52 -1.43 20.83
N THR C 53 -35.97 -2.13 19.85
CA THR C 53 -36.44 -3.45 19.45
C THR C 53 -35.45 -4.51 19.89
N PHE C 54 -35.95 -5.71 20.16
CA PHE C 54 -35.16 -6.72 20.85
C PHE C 54 -34.18 -7.39 19.89
N LEU C 55 -33.30 -8.20 20.46
CA LEU C 55 -32.33 -9.00 19.73
C LEU C 55 -32.78 -10.44 19.72
N CYS C 56 -32.03 -11.28 19.01
CA CYS C 56 -32.23 -12.72 19.04
C CYS C 56 -31.07 -13.37 19.76
N PHE C 57 -31.31 -14.55 20.32
CA PHE C 57 -30.25 -15.27 21.01
C PHE C 57 -30.49 -16.76 20.83
N ASP C 58 -29.80 -17.56 21.64
CA ASP C 58 -30.00 -19.00 21.65
C ASP C 58 -31.47 -19.34 21.78
N ASP C 59 -31.91 -20.32 21.00
CA ASP C 59 -33.29 -20.80 21.01
C ASP C 59 -34.28 -19.71 20.62
N GLY C 60 -33.79 -18.57 20.13
CA GLY C 60 -34.69 -17.50 19.75
C GLY C 60 -35.44 -16.88 20.91
N LYS C 61 -34.73 -16.15 21.78
CA LYS C 61 -35.33 -15.41 22.86
C LYS C 61 -34.50 -14.16 23.12
N PRO C 62 -35.12 -13.07 23.53
CA PRO C 62 -34.38 -11.82 23.68
C PRO C 62 -33.60 -11.70 24.97
N TYR C 63 -33.97 -12.43 26.01
CA TYR C 63 -33.30 -12.28 27.29
C TYR C 63 -32.10 -13.22 27.41
N VAL C 64 -31.03 -12.71 27.98
CA VAL C 64 -29.79 -13.46 28.12
C VAL C 64 -29.75 -14.04 29.52
N VAL C 65 -30.23 -15.27 29.65
CA VAL C 65 -30.27 -15.93 30.93
C VAL C 65 -28.85 -16.20 31.42
N THR C 66 -28.69 -16.19 32.75
CA THR C 66 -27.41 -16.56 33.35
C THR C 66 -26.99 -17.95 32.87
N ARG C 67 -25.70 -18.10 32.59
CA ARG C 67 -25.19 -19.34 32.05
C ARG C 67 -25.41 -20.49 33.04
N ALA C 68 -25.57 -21.69 32.49
CA ALA C 68 -25.76 -22.87 33.32
C ALA C 68 -24.48 -23.35 33.96
N ASP C 69 -23.35 -23.26 33.26
CA ASP C 69 -22.10 -23.79 33.76
C ASP C 69 -21.13 -22.66 34.11
N GLY C 70 -19.95 -23.00 34.60
CA GLY C 70 -18.96 -21.98 34.85
C GLY C 70 -18.86 -21.21 33.55
N GLN C 71 -19.13 -19.92 33.62
CA GLN C 71 -19.09 -19.07 32.43
C GLN C 71 -19.25 -17.69 33.05
N ARG C 72 -18.85 -16.66 32.37
CA ARG C 72 -19.26 -15.28 32.59
C ARG C 72 -18.96 -14.65 31.26
N LEU C 73 -19.62 -15.07 30.19
CA LEU C 73 -19.48 -14.41 28.89
C LEU C 73 -20.89 -14.89 28.59
N LEU C 74 -21.84 -13.97 28.57
CA LEU C 74 -23.23 -14.35 28.38
C LEU C 74 -23.44 -14.64 26.90
N ALA C 75 -23.20 -13.64 26.06
CA ALA C 75 -23.35 -13.84 24.62
C ALA C 75 -22.28 -12.90 24.09
N LYS C 76 -21.78 -13.19 22.89
CA LYS C 76 -20.90 -12.28 22.19
C LYS C 76 -21.67 -12.18 20.88
N PHE C 77 -21.46 -11.07 20.18
CA PHE C 77 -22.06 -10.89 18.87
C PHE C 77 -21.39 -9.72 18.19
N ASP C 78 -21.22 -9.81 16.88
CA ASP C 78 -20.49 -8.78 16.18
C ASP C 78 -21.33 -7.53 16.06
N VAL C 79 -20.70 -6.47 15.53
CA VAL C 79 -21.40 -5.19 15.39
C VAL C 79 -22.00 -5.00 14.00
N SER C 80 -21.43 -5.62 12.97
CA SER C 80 -21.97 -5.50 11.63
C SER C 80 -23.46 -5.81 11.63
N LEU C 81 -24.24 -4.89 11.06
CA LEU C 81 -25.68 -4.94 11.21
C LEU C 81 -26.31 -6.17 10.58
N ALA C 82 -25.58 -6.90 9.76
CA ALA C 82 -26.09 -8.15 9.21
C ALA C 82 -25.31 -8.98 10.22
N ALA C 83 -26.01 -9.43 11.25
CA ALA C 83 -25.41 -10.21 12.33
C ALA C 83 -26.56 -11.16 12.63
N LYS C 84 -26.22 -12.31 13.22
CA LYS C 84 -27.27 -13.26 13.57
C LYS C 84 -28.09 -12.74 14.73
N HIS C 85 -27.43 -12.34 15.82
CA HIS C 85 -28.14 -11.82 16.98
C HIS C 85 -28.96 -10.59 16.67
N MET C 86 -28.58 -9.84 15.66
CA MET C 86 -29.27 -8.60 15.30
C MET C 86 -30.15 -8.78 14.07
N SER C 87 -30.55 -10.01 13.76
CA SER C 87 -31.19 -10.25 12.47
C SER C 87 -32.64 -9.80 12.44
N ASN C 88 -33.30 -9.74 13.59
CA ASN C 88 -34.73 -9.46 13.62
C ASN C 88 -35.07 -8.06 14.08
N THR C 89 -34.13 -7.35 14.67
CA THR C 89 -34.38 -5.99 15.10
C THR C 89 -34.68 -5.09 13.90
N TYR C 90 -35.48 -4.06 14.15
CA TYR C 90 -35.89 -3.14 13.08
C TYR C 90 -34.69 -2.44 12.48
N LEU C 91 -33.65 -2.20 13.27
CA LEU C 91 -32.50 -1.49 12.74
C LEU C 91 -31.84 -2.30 11.63
N SER C 92 -31.67 -3.60 11.84
CA SER C 92 -31.18 -4.42 10.74
C SER C 92 -32.24 -4.57 9.66
N GLY C 93 -33.50 -4.60 10.06
CA GLY C 93 -34.57 -4.70 9.07
C GLY C 93 -34.50 -3.60 8.03
N ILE C 94 -34.09 -2.41 8.44
CA ILE C 94 -33.90 -1.33 7.48
C ILE C 94 -32.48 -1.33 6.91
N ALA C 95 -31.46 -1.56 7.73
CA ALA C 95 -30.11 -1.51 7.24
C ALA C 95 -29.80 -2.53 6.18
N GLN C 96 -30.58 -3.60 6.12
CA GLN C 96 -30.45 -4.54 4.99
C GLN C 96 -30.50 -3.85 3.63
N TYR C 97 -31.27 -2.77 3.52
CA TYR C 97 -31.52 -2.10 2.26
C TYR C 97 -30.56 -0.95 2.00
N TYR C 98 -29.44 -0.89 2.71
CA TYR C 98 -28.51 0.22 2.56
C TYR C 98 -27.10 -0.32 2.41
N ALA C 99 -26.27 0.42 1.68
CA ALA C 99 -24.96 -0.09 1.32
C ALA C 99 -23.92 0.15 2.40
N GLN C 100 -24.10 1.18 3.23
CA GLN C 100 -23.09 1.51 4.22
C GLN C 100 -23.89 2.23 5.29
N TYR C 101 -23.24 2.55 6.39
CA TYR C 101 -23.86 3.12 7.58
C TYR C 101 -22.73 3.89 8.26
N SER C 102 -23.08 4.55 9.36
CA SER C 102 -22.11 5.25 10.20
C SER C 102 -22.76 5.55 11.54
N GLY C 103 -21.96 6.05 12.47
CA GLY C 103 -22.48 6.49 13.74
C GLY C 103 -22.70 5.38 14.73
N THR C 104 -23.12 5.77 15.93
CA THR C 104 -23.26 4.86 17.06
C THR C 104 -24.55 4.06 16.95
N ILE C 105 -24.57 2.93 17.63
CA ILE C 105 -25.73 2.03 17.67
C ILE C 105 -26.04 1.77 19.13
N ASN C 106 -26.99 2.52 19.69
CA ASN C 106 -27.32 2.37 21.10
C ASN C 106 -27.81 0.97 21.41
N LEU C 107 -27.58 0.53 22.63
CA LEU C 107 -28.18 -0.68 23.16
C LEU C 107 -29.13 -0.31 24.29
N HIS C 108 -29.92 -1.28 24.73
CA HIS C 108 -30.85 -1.04 25.83
C HIS C 108 -30.61 -2.37 26.53
N PHE C 109 -30.43 -2.33 27.84
CA PHE C 109 -30.40 -3.55 28.64
C PHE C 109 -31.41 -3.11 29.67
N MET C 110 -32.31 -4.01 30.04
CA MET C 110 -33.23 -3.74 31.14
C MET C 110 -33.42 -5.01 31.93
N PHE C 111 -32.93 -5.01 33.16
CA PHE C 111 -33.04 -6.18 34.02
C PHE C 111 -34.50 -6.46 34.33
N THR C 112 -34.95 -7.68 34.05
CA THR C 112 -36.31 -8.11 34.34
C THR C 112 -36.03 -9.27 35.27
N GLY C 113 -36.26 -9.05 36.55
CA GLY C 113 -36.03 -10.08 37.53
C GLY C 113 -36.69 -9.67 38.83
N PRO C 114 -36.72 -10.58 39.78
CA PRO C 114 -37.28 -10.24 41.09
C PRO C 114 -36.46 -9.16 41.76
N THR C 115 -37.09 -8.44 42.67
CA THR C 115 -36.37 -7.39 43.39
C THR C 115 -35.50 -7.94 44.51
N ASP C 116 -35.46 -9.26 44.69
CA ASP C 116 -34.65 -9.84 45.75
C ASP C 116 -33.30 -10.33 45.27
N SER C 117 -33.02 -10.28 43.97
CA SER C 117 -31.77 -10.77 43.41
C SER C 117 -31.12 -9.64 42.63
N LYS C 118 -30.23 -8.90 43.29
CA LYS C 118 -29.43 -7.93 42.57
C LYS C 118 -28.41 -8.64 41.68
N ALA C 119 -27.87 -7.89 40.73
CA ALA C 119 -26.81 -8.41 39.89
C ALA C 119 -26.12 -7.24 39.22
N ARG C 120 -24.85 -7.42 38.89
CA ARG C 120 -24.02 -6.36 38.33
C ARG C 120 -23.40 -6.87 37.04
N TYR C 121 -23.78 -6.27 35.93
CA TYR C 121 -23.38 -6.73 34.61
C TYR C 121 -22.44 -5.74 33.91
N MET C 122 -21.72 -6.25 32.92
CA MET C 122 -20.77 -5.44 32.18
C MET C 122 -21.06 -5.59 30.70
N VAL C 123 -20.66 -4.60 29.91
CA VAL C 123 -20.72 -4.67 28.46
C VAL C 123 -19.38 -4.08 28.07
N ALA C 124 -18.73 -4.67 27.07
CA ALA C 124 -17.39 -4.26 26.71
C ALA C 124 -17.20 -4.40 25.21
N TYR C 125 -16.96 -3.29 24.54
CA TYR C 125 -16.79 -3.26 23.08
C TYR C 125 -15.32 -3.53 22.77
N VAL C 126 -15.03 -4.71 22.24
CA VAL C 126 -13.66 -5.12 21.96
C VAL C 126 -13.36 -4.85 20.48
N PRO C 127 -12.63 -3.79 20.16
CA PRO C 127 -12.38 -3.46 18.76
C PRO C 127 -11.66 -4.57 18.03
N PRO C 128 -11.67 -4.58 16.69
CA PRO C 128 -11.24 -5.77 15.96
C PRO C 128 -9.74 -5.85 15.73
N GLY C 129 -9.00 -6.36 16.71
CA GLY C 129 -7.60 -6.60 16.53
C GLY C 129 -7.19 -7.99 16.93
N MET C 130 -8.04 -8.66 17.70
CA MET C 130 -7.76 -10.01 18.17
C MET C 130 -8.67 -11.05 17.53
N GLU C 131 -8.15 -12.26 17.41
CA GLU C 131 -8.94 -13.37 16.87
C GLU C 131 -10.17 -13.92 17.55
N THR C 132 -10.35 -13.66 18.85
CA THR C 132 -11.52 -14.07 19.57
C THR C 132 -11.76 -13.14 20.75
N PRO C 133 -13.01 -12.84 21.07
CA PRO C 133 -13.29 -12.08 22.28
C PRO C 133 -12.88 -12.89 23.50
N PRO C 134 -12.42 -12.23 24.55
CA PRO C 134 -11.93 -12.98 25.72
C PRO C 134 -13.08 -13.47 26.56
N ASP C 135 -12.97 -14.73 26.98
CA ASP C 135 -14.03 -15.41 27.79
C ASP C 135 -13.89 -15.04 29.28
N THR C 136 -13.00 -14.09 29.59
CA THR C 136 -12.81 -13.66 31.00
C THR C 136 -13.28 -12.22 31.15
N PRO C 137 -14.16 -11.89 32.13
CA PRO C 137 -14.65 -10.52 32.31
C PRO C 137 -13.51 -9.56 32.63
N GLU C 138 -12.57 -9.98 33.47
CA GLU C 138 -11.40 -9.13 33.83
C GLU C 138 -10.50 -8.98 32.61
N GLU C 139 -10.10 -10.10 32.00
CA GLU C 139 -9.23 -10.07 30.81
C GLU C 139 -9.74 -9.21 29.66
N ALA C 140 -11.04 -8.96 29.57
CA ALA C 140 -11.61 -8.04 28.60
C ALA C 140 -11.99 -6.72 29.22
N ALA C 141 -11.59 -6.48 30.47
CA ALA C 141 -11.91 -5.23 31.15
C ALA C 141 -11.19 -4.05 30.52
N HIS C 142 -10.05 -4.29 29.87
CA HIS C 142 -9.31 -3.19 29.26
C HIS C 142 -9.99 -2.36 28.18
N CYS C 143 -10.67 -3.01 27.24
CA CYS C 143 -11.34 -2.29 26.17
C CYS C 143 -12.42 -1.39 26.74
N ILE C 144 -12.86 -0.41 25.94
CA ILE C 144 -13.90 0.51 26.41
C ILE C 144 -15.12 -0.29 26.78
N HIS C 145 -15.58 -0.12 28.02
CA HIS C 145 -16.64 -0.95 28.56
C HIS C 145 -17.35 -0.17 29.65
N ALA C 146 -18.54 -0.63 30.01
CA ALA C 146 -19.29 -0.04 31.10
C ALA C 146 -19.64 -1.21 32.00
N GLU C 147 -19.91 -0.93 33.27
CA GLU C 147 -20.24 -1.97 34.23
C GLU C 147 -21.30 -1.26 35.07
N TRP C 148 -22.47 -1.86 35.17
CA TRP C 148 -23.60 -1.20 35.81
C TRP C 148 -24.31 -2.15 36.74
N ASP C 149 -24.86 -1.59 37.82
CA ASP C 149 -25.62 -2.33 38.81
C ASP C 149 -27.09 -2.35 38.43
N THR C 150 -27.84 -3.24 39.06
CA THR C 150 -29.27 -3.41 38.78
C THR C 150 -30.05 -3.20 40.07
N GLY C 151 -30.55 -1.98 40.26
CA GLY C 151 -31.30 -1.68 41.46
C GLY C 151 -32.72 -1.25 41.16
N LEU C 152 -33.21 -0.23 41.88
CA LEU C 152 -34.55 0.26 41.63
C LEU C 152 -34.70 0.78 40.21
N ASN C 153 -33.65 1.37 39.68
CA ASN C 153 -33.65 1.89 38.31
C ASN C 153 -33.14 0.79 37.39
N SER C 154 -33.93 0.45 36.37
CA SER C 154 -33.70 -0.79 35.63
C SER C 154 -33.06 -0.88 34.25
N LYS C 155 -33.06 0.21 33.49
CA LYS C 155 -32.80 0.14 32.05
C LYS C 155 -31.52 0.95 31.94
N PHE C 156 -30.46 0.31 31.44
CA PHE C 156 -29.18 0.95 31.21
C PHE C 156 -28.85 0.84 29.73
N THR C 157 -28.38 1.93 29.13
CA THR C 157 -28.21 2.02 27.68
C THR C 157 -26.77 2.40 27.37
N PHE C 158 -25.96 1.42 26.99
CA PHE C 158 -24.57 1.65 26.63
C PHE C 158 -24.48 1.91 25.13
N SER C 159 -23.97 3.08 24.77
CA SER C 159 -23.95 3.50 23.38
C SER C 159 -22.70 2.96 22.69
N ILE C 160 -22.86 1.89 21.93
CA ILE C 160 -21.76 1.31 21.15
C ILE C 160 -21.14 2.50 20.43
N PRO C 161 -19.84 2.67 20.47
CA PRO C 161 -19.23 3.79 19.76
C PRO C 161 -18.91 3.26 18.38
N TYR C 162 -18.55 4.18 17.50
CA TYR C 162 -18.17 3.85 16.15
C TYR C 162 -16.71 4.23 15.97
N VAL C 163 -15.85 3.23 15.88
CA VAL C 163 -14.44 3.43 15.55
C VAL C 163 -14.10 2.50 14.41
N SER C 164 -13.71 3.08 13.28
CA SER C 164 -13.30 2.29 12.13
C SER C 164 -12.39 3.15 11.27
N ALA C 165 -11.49 2.48 10.56
CA ALA C 165 -10.58 3.19 9.67
C ALA C 165 -11.36 3.98 8.63
N ALA C 166 -12.21 3.30 7.87
CA ALA C 166 -13.03 4.00 6.90
C ALA C 166 -14.05 4.88 7.62
N ASP C 167 -14.38 6.01 6.98
CA ASP C 167 -15.36 6.90 7.57
C ASP C 167 -16.76 6.32 7.52
N TYR C 168 -16.99 5.31 6.69
CA TYR C 168 -18.25 4.57 6.63
C TYR C 168 -17.93 3.10 6.52
N ALA C 169 -18.74 2.27 7.15
CA ALA C 169 -18.55 0.83 7.10
C ALA C 169 -19.65 0.18 6.30
N TYR C 170 -19.33 -0.95 5.67
CA TYR C 170 -20.33 -1.69 4.92
C TYR C 170 -21.29 -2.35 5.89
N THR C 171 -22.51 -2.60 5.43
CA THR C 171 -23.46 -3.37 6.24
C THR C 171 -23.47 -4.89 6.06
N ALA C 172 -23.05 -5.36 4.89
CA ALA C 172 -23.10 -6.78 4.62
C ALA C 172 -21.62 -7.16 4.87
N SER C 173 -21.42 -8.38 5.35
CA SER C 173 -20.09 -8.88 5.68
C SER C 173 -19.55 -9.71 4.53
N ASP C 174 -18.27 -9.54 4.23
CA ASP C 174 -17.63 -10.25 3.13
C ASP C 174 -17.53 -11.74 3.45
N VAL C 175 -17.71 -12.57 2.42
CA VAL C 175 -17.49 -14.00 2.58
C VAL C 175 -16.01 -14.31 2.73
N ALA C 176 -15.13 -13.42 2.26
CA ALA C 176 -13.70 -13.64 2.37
C ALA C 176 -13.20 -13.35 3.79
N GLU C 177 -13.84 -12.42 4.49
CA GLU C 177 -13.46 -12.14 5.87
C GLU C 177 -13.97 -13.23 6.79
N THR C 178 -13.15 -13.60 7.77
CA THR C 178 -13.60 -14.50 8.84
C THR C 178 -13.81 -13.76 10.16
N THR C 179 -13.04 -12.72 10.43
CA THR C 179 -13.33 -11.80 11.50
C THR C 179 -14.36 -10.78 11.02
N ASN C 180 -14.77 -9.90 11.93
CA ASN C 180 -15.75 -8.90 11.57
C ASN C 180 -15.08 -7.60 11.16
N VAL C 181 -15.78 -6.83 10.32
CA VAL C 181 -15.28 -5.52 9.91
C VAL C 181 -15.13 -4.62 11.13
N GLN C 182 -16.03 -4.75 12.09
CA GLN C 182 -15.95 -4.02 13.35
C GLN C 182 -15.64 -5.01 14.47
N GLY C 183 -15.39 -4.49 15.65
CA GLY C 183 -15.09 -5.35 16.79
C GLY C 183 -16.32 -6.10 17.24
N TRP C 184 -16.10 -7.03 18.16
CA TRP C 184 -17.20 -7.72 18.81
C TRP C 184 -17.75 -6.87 19.94
N VAL C 185 -18.81 -7.36 20.55
CA VAL C 185 -19.38 -6.79 21.77
C VAL C 185 -19.74 -7.93 22.69
N CYS C 186 -19.36 -7.83 23.95
CA CYS C 186 -19.57 -8.89 24.91
C CYS C 186 -20.37 -8.35 26.09
N ILE C 187 -21.24 -9.18 26.64
CA ILE C 187 -21.99 -8.86 27.86
C ILE C 187 -21.56 -9.83 28.93
N TYR C 188 -20.68 -9.39 29.82
CA TYR C 188 -20.18 -10.25 30.88
C TYR C 188 -20.99 -10.03 32.14
N GLN C 189 -21.46 -11.12 32.73
CA GLN C 189 -22.14 -11.06 34.02
C GLN C 189 -21.10 -11.31 35.09
N ILE C 190 -20.57 -10.23 35.67
CA ILE C 190 -19.46 -10.40 36.58
C ILE C 190 -19.92 -10.88 37.94
N THR C 191 -21.15 -10.56 38.34
CA THR C 191 -21.62 -10.98 39.65
C THR C 191 -23.14 -11.09 39.64
N HIS C 192 -23.67 -12.11 40.31
CA HIS C 192 -25.11 -12.33 40.43
C HIS C 192 -25.15 -12.87 41.85
N GLY C 193 -26.07 -12.34 42.66
CA GLY C 193 -26.31 -12.94 43.95
C GLY C 193 -27.66 -13.61 43.70
N LYS C 194 -27.94 -14.63 44.50
CA LYS C 194 -29.20 -15.37 44.38
C LYS C 194 -29.37 -15.94 42.97
N ALA C 195 -28.51 -16.89 42.63
CA ALA C 195 -28.55 -17.48 41.30
C ALA C 195 -29.83 -18.28 41.12
N GLU C 196 -30.81 -17.72 40.45
CA GLU C 196 -32.15 -18.27 40.38
C GLU C 196 -32.71 -17.93 39.00
N ASP C 197 -31.88 -18.04 37.98
CA ASP C 197 -32.29 -17.80 36.58
C ASP C 197 -33.11 -16.52 36.40
N ASP C 198 -32.44 -15.40 36.63
CA ASP C 198 -33.01 -14.09 36.39
C ASP C 198 -32.51 -13.52 35.06
N THR C 199 -33.43 -12.95 34.29
CA THR C 199 -33.17 -12.67 32.89
C THR C 199 -32.89 -11.20 32.65
N LEU C 200 -32.18 -10.93 31.55
CA LEU C 200 -31.97 -9.57 31.07
C LEU C 200 -32.73 -9.51 29.75
N VAL C 201 -33.23 -8.35 29.39
CA VAL C 201 -34.00 -8.19 28.16
C VAL C 201 -33.15 -7.10 27.52
N VAL C 202 -32.52 -7.42 26.40
CA VAL C 202 -31.59 -6.51 25.74
C VAL C 202 -32.12 -6.15 24.36
N SER C 203 -32.02 -4.87 24.02
CA SER C 203 -32.61 -4.35 22.79
C SER C 203 -31.63 -3.43 22.09
N LEU C 204 -31.91 -3.16 20.82
CA LEU C 204 -31.07 -2.34 19.97
C LEU C 204 -31.81 -1.07 19.61
N SER C 205 -31.05 -0.04 19.23
CA SER C 205 -31.63 1.23 18.82
C SER C 205 -30.57 2.07 18.13
N ALA C 206 -31.01 2.91 17.20
CA ALA C 206 -30.10 3.77 16.47
C ALA C 206 -29.84 5.05 17.24
N GLY C 207 -28.56 5.43 17.32
CA GLY C 207 -28.17 6.58 18.10
C GLY C 207 -28.27 7.88 17.32
N LYS C 208 -28.04 8.99 18.04
CA LYS C 208 -28.19 10.31 17.44
C LYS C 208 -27.28 10.51 16.25
N ASP C 209 -26.13 9.87 16.20
CA ASP C 209 -25.20 10.04 15.10
C ASP C 209 -25.41 9.02 13.99
N PHE C 210 -26.31 8.06 14.17
CA PHE C 210 -26.50 7.02 13.17
C PHE C 210 -27.04 7.61 11.88
N GLU C 211 -26.49 7.15 10.75
CA GLU C 211 -26.96 7.60 9.45
C GLU C 211 -26.58 6.55 8.43
N LEU C 212 -27.54 6.15 7.61
CA LEU C 212 -27.29 5.19 6.55
C LEU C 212 -27.12 5.93 5.25
N ARG C 213 -26.68 5.22 4.21
CA ARG C 213 -26.35 5.91 2.97
C ARG C 213 -26.40 4.91 1.83
N LEU C 214 -26.61 5.44 0.62
CA LEU C 214 -26.55 4.67 -0.62
C LEU C 214 -27.52 3.48 -0.60
N PRO C 215 -28.81 3.72 -0.77
CA PRO C 215 -29.77 2.62 -0.69
C PRO C 215 -29.72 1.70 -1.89
N ILE C 216 -29.82 0.40 -1.63
CA ILE C 216 -29.87 -0.64 -2.67
C ILE C 216 -30.97 -1.62 -2.30
N ASP C 217 -31.30 -2.52 -3.23
CA ASP C 217 -32.45 -3.41 -3.14
C ASP C 217 -31.76 -4.77 -3.23
N PRO C 218 -31.68 -5.51 -2.14
CA PRO C 218 -31.04 -6.82 -2.21
C PRO C 218 -32.32 -7.65 -2.13
N ARG C 219 -32.22 -8.90 -2.59
CA ARG C 219 -33.38 -9.78 -2.67
C ARG C 219 -33.06 -10.10 -1.22
N SER C 220 -34.10 -10.09 -0.40
CA SER C 220 -34.00 -10.35 1.02
C SER C 220 -34.61 -11.74 1.10
N SER D 15 -12.33 26.05 -13.69
CA SER D 15 -12.75 24.71 -13.31
C SER D 15 -12.19 23.67 -14.27
N GLY D 16 -12.98 22.61 -14.49
CA GLY D 16 -12.55 21.51 -15.34
C GLY D 16 -12.82 21.75 -16.81
N ASN D 17 -13.44 20.77 -17.47
CA ASN D 17 -13.67 20.86 -18.90
C ASN D 17 -15.04 21.42 -19.25
N THR D 18 -16.00 21.39 -18.34
CA THR D 18 -17.36 21.82 -18.65
C THR D 18 -17.39 23.28 -19.09
N GLY D 19 -17.82 23.51 -20.32
CA GLY D 19 -17.70 24.82 -20.92
C GLY D 19 -18.99 25.43 -21.43
N SER D 20 -20.13 24.83 -21.08
CA SER D 20 -21.41 25.43 -21.44
C SER D 20 -21.74 26.56 -20.47
N ILE D 21 -21.89 27.77 -21.00
CA ILE D 21 -22.14 28.94 -20.14
C ILE D 21 -23.65 29.00 -19.94
N ILE D 22 -24.11 28.21 -18.97
CA ILE D 22 -25.51 28.16 -18.61
C ILE D 22 -25.62 27.38 -17.31
N ASN D 23 -26.62 27.72 -16.50
CA ASN D 23 -26.84 26.97 -15.27
C ASN D 23 -27.12 25.52 -15.61
N ASN D 24 -26.42 24.62 -14.93
CA ASN D 24 -26.67 23.19 -15.11
C ASN D 24 -28.11 22.88 -14.73
N TYR D 25 -28.86 22.30 -15.67
CA TYR D 25 -30.30 22.13 -15.46
C TYR D 25 -30.58 21.36 -14.19
N TYR D 26 -29.87 20.25 -13.97
CA TYR D 26 -30.03 19.51 -12.73
C TYR D 26 -29.38 20.27 -11.59
N MET D 27 -29.98 20.19 -10.42
CA MET D 27 -29.39 20.85 -9.26
C MET D 27 -28.03 20.23 -8.96
N GLN D 28 -27.22 20.97 -8.21
CA GLN D 28 -25.84 20.55 -7.99
C GLN D 28 -25.76 19.28 -7.16
N GLN D 29 -26.50 19.22 -6.05
CA GLN D 29 -26.45 18.05 -5.18
C GLN D 29 -26.84 16.78 -5.93
N TYR D 30 -27.82 16.86 -6.82
CA TYR D 30 -28.16 15.70 -7.63
C TYR D 30 -27.11 15.43 -8.69
N GLN D 31 -26.59 16.48 -9.30
CA GLN D 31 -25.65 16.34 -10.41
C GLN D 31 -24.25 15.82 -10.16
N ASN D 32 -23.72 16.09 -8.97
CA ASN D 32 -22.36 15.68 -8.67
C ASN D 32 -22.48 15.20 -7.23
N SER D 33 -21.37 14.72 -6.68
CA SER D 33 -21.33 14.31 -5.29
C SER D 33 -20.94 15.52 -4.44
N MET D 34 -21.89 16.06 -3.70
CA MET D 34 -21.61 17.23 -2.88
C MET D 34 -20.54 16.92 -1.85
N ASP D 35 -19.70 17.90 -1.56
CA ASP D 35 -18.55 17.71 -0.70
C ASP D 35 -18.77 18.36 0.65
N THR D 36 -18.06 17.87 1.65
CA THR D 36 -18.07 18.42 3.00
C THR D 36 -16.64 18.57 3.49
N GLN D 37 -16.48 19.39 4.53
CA GLN D 37 -15.16 19.74 5.05
C GLN D 37 -15.12 19.50 6.55
N LEU D 38 -13.95 19.74 7.14
CA LEU D 38 -13.75 19.59 8.58
C LEU D 38 -13.36 20.92 9.18
N GLY D 39 -14.18 21.42 10.10
CA GLY D 39 -13.90 22.68 10.77
C GLY D 39 -12.63 22.64 11.60
N ASN D 65 -3.32 25.16 0.74
CA ASN D 65 -3.19 23.83 0.15
C ASN D 65 -2.30 23.87 -1.09
N ASP D 66 -2.50 22.89 -1.98
CA ASP D 66 -1.78 22.81 -3.25
C ASP D 66 -0.29 22.68 -3.12
N TRP D 67 0.10 21.72 -2.29
CA TRP D 67 1.52 21.63 -1.85
C TRP D 67 2.51 21.71 -3.00
N PHE D 68 2.23 21.06 -4.12
CA PHE D 68 3.22 21.08 -5.18
C PHE D 68 3.29 22.44 -5.87
N SER D 69 2.18 23.18 -5.89
CA SER D 69 2.26 24.55 -6.40
C SER D 69 3.06 25.43 -5.46
N LYS D 70 2.86 25.28 -4.14
CA LYS D 70 3.70 26.00 -3.20
C LYS D 70 5.17 25.63 -3.37
N LEU D 71 5.44 24.37 -3.69
CA LEU D 71 6.82 23.93 -3.83
C LEU D 71 7.45 24.51 -5.09
N ALA D 72 6.74 24.48 -6.20
CA ALA D 72 7.28 25.07 -7.42
C ALA D 72 7.44 26.58 -7.29
N SER D 73 6.53 27.23 -6.58
CA SER D 73 6.64 28.67 -6.40
C SER D 73 7.85 29.02 -5.54
N SER D 74 7.90 28.48 -4.33
CA SER D 74 9.00 28.80 -3.43
C SER D 74 10.02 27.92 -4.13
N ALA D 75 10.94 28.54 -4.88
CA ALA D 75 11.93 27.83 -5.67
C ALA D 75 12.96 28.93 -5.47
N PHE D 76 14.24 28.55 -5.54
CA PHE D 76 15.31 29.53 -5.37
C PHE D 76 15.67 29.71 -6.84
N THR D 77 15.50 30.93 -7.33
CA THR D 77 15.85 31.28 -8.69
C THR D 77 17.01 32.28 -8.68
N GLY D 78 17.45 32.64 -9.89
CA GLY D 78 18.55 33.59 -10.02
C GLY D 78 19.88 33.00 -9.62
N LEU D 79 20.96 33.75 -9.84
CA LEU D 79 22.29 33.28 -9.52
C LEU D 79 22.51 33.29 -8.01
N PHE D 80 23.55 32.58 -7.58
CA PHE D 80 23.84 32.40 -6.16
C PHE D 80 24.93 33.33 -5.63
N GLY D 81 25.74 33.91 -6.50
CA GLY D 81 26.83 34.76 -6.05
C GLY D 81 26.96 36.05 -6.83
N ALA D 82 28.15 36.63 -6.85
CA ALA D 82 28.38 37.86 -7.57
C ALA D 82 28.21 37.66 -9.07
N LEU D 83 28.15 38.77 -9.81
CA LEU D 83 28.04 38.75 -11.26
C LEU D 83 28.95 39.82 -11.83
N LEU D 84 29.33 39.65 -13.09
CA LEU D 84 30.13 40.64 -13.79
C LEU D 84 29.46 41.07 -15.08
N SER E 15 39.70 -28.98 -29.74
CA SER E 15 39.41 -28.29 -30.99
C SER E 15 37.90 -28.22 -31.24
N GLN E 16 37.13 -28.57 -30.24
CA GLN E 16 35.68 -28.60 -30.31
C GLN E 16 35.16 -27.27 -29.74
N THR E 17 35.21 -26.23 -30.57
CA THR E 17 34.71 -24.92 -30.16
C THR E 17 33.19 -24.98 -30.02
N LEU E 18 32.69 -24.58 -28.85
CA LEU E 18 31.28 -24.69 -28.55
C LEU E 18 30.68 -23.31 -28.33
N SER E 19 29.37 -23.21 -28.59
CA SER E 19 28.60 -22.00 -28.34
C SER E 19 27.19 -22.40 -27.95
N LEU E 20 26.70 -21.85 -26.84
CA LEU E 20 25.39 -22.21 -26.32
C LEU E 20 24.64 -20.97 -25.87
N THR E 21 23.32 -21.00 -26.02
CA THR E 21 22.46 -19.86 -25.74
C THR E 21 21.23 -20.33 -24.96
N CYS E 22 20.71 -19.44 -24.12
CA CYS E 22 19.49 -19.68 -23.37
C CYS E 22 18.53 -18.52 -23.61
N THR E 23 17.36 -18.82 -24.15
CA THR E 23 16.37 -17.79 -24.47
C THR E 23 15.84 -17.17 -23.19
N VAL E 24 16.06 -15.87 -23.03
CA VAL E 24 15.62 -15.16 -21.84
C VAL E 24 14.10 -15.03 -21.84
N SER E 25 13.47 -15.43 -20.74
CA SER E 25 12.03 -15.40 -20.59
C SER E 25 11.65 -14.30 -19.61
N GLY E 26 11.32 -13.13 -20.16
CA GLY E 26 11.07 -11.93 -19.32
C GLY E 26 12.42 -11.29 -18.97
N PHE E 27 12.45 -10.40 -17.97
CA PHE E 27 13.71 -9.76 -17.50
C PHE E 27 14.56 -9.17 -18.64
N SER E 28 13.97 -8.26 -19.42
CA SER E 28 14.66 -7.70 -20.62
C SER E 28 16.11 -7.32 -20.34
N LEU E 29 17.00 -7.60 -21.31
CA LEU E 29 18.46 -7.42 -21.19
C LEU E 29 18.80 -5.96 -20.86
N SER E 30 18.10 -5.00 -21.45
CA SER E 30 18.40 -3.59 -21.08
C SER E 30 18.11 -3.41 -19.58
N ASP E 31 16.97 -3.94 -19.11
CA ASP E 31 16.57 -3.86 -17.68
C ASP E 31 17.51 -4.68 -16.78
N TYR E 32 17.87 -5.92 -17.19
CA TYR E 32 18.72 -6.80 -16.35
C TYR E 32 19.79 -7.49 -17.21
N ALA E 33 21.05 -7.40 -16.77
CA ALA E 33 22.17 -7.96 -17.50
C ALA E 33 22.45 -9.38 -17.05
N VAL E 34 22.81 -10.23 -18.00
CA VAL E 34 23.00 -11.66 -17.76
C VAL E 34 24.48 -11.99 -17.80
N GLY E 35 24.82 -13.08 -17.13
CA GLY E 35 26.18 -13.58 -17.16
C GLY E 35 26.18 -15.08 -17.00
N TRP E 36 27.16 -15.71 -17.65
CA TRP E 36 27.30 -17.15 -17.57
C TRP E 36 28.20 -17.54 -16.40
N VAL E 37 27.96 -18.74 -15.87
CA VAL E 37 28.78 -19.29 -14.81
C VAL E 37 28.67 -20.80 -14.86
N ARG E 38 29.80 -21.48 -14.67
CA ARG E 38 29.89 -22.92 -14.85
C ARG E 38 30.30 -23.60 -13.56
N GLN E 39 29.74 -24.77 -13.30
CA GLN E 39 30.06 -25.56 -12.13
C GLN E 39 31.02 -26.67 -12.57
N ALA E 40 32.31 -26.42 -12.38
CA ALA E 40 33.41 -27.30 -12.78
C ALA E 40 33.23 -28.71 -12.20
N PRO E 41 33.78 -29.74 -12.85
CA PRO E 41 33.56 -31.12 -12.36
C PRO E 41 33.78 -31.26 -10.87
N GLY E 42 32.73 -31.70 -10.18
CA GLY E 42 32.66 -31.63 -8.73
C GLY E 42 31.81 -30.46 -8.30
N LYS E 43 31.94 -30.12 -7.02
CA LYS E 43 31.20 -28.96 -6.51
C LYS E 43 31.87 -27.65 -6.87
N ALA E 44 33.00 -27.67 -7.58
CA ALA E 44 33.73 -26.45 -7.86
C ALA E 44 32.94 -25.54 -8.77
N LEU E 45 33.05 -24.23 -8.51
CA LEU E 45 32.39 -23.21 -9.30
C LEU E 45 33.43 -22.23 -9.85
N GLU E 46 33.11 -21.64 -10.99
CA GLU E 46 34.03 -20.73 -11.67
C GLU E 46 33.21 -19.71 -12.46
N PHE E 47 33.57 -18.43 -12.33
CA PHE E 47 32.86 -17.38 -13.04
C PHE E 47 33.38 -17.26 -14.47
N LEU E 48 32.46 -17.28 -15.43
CA LEU E 48 32.82 -17.27 -16.85
C LEU E 48 32.25 -15.86 -16.79
N GLY E 49 32.32 -15.13 -17.89
CA GLY E 49 31.84 -13.77 -17.91
C GLY E 49 30.47 -13.13 -17.87
N SER E 50 30.43 -11.81 -17.83
CA SER E 50 29.19 -11.06 -17.75
C SER E 50 29.14 -10.00 -18.82
N ILE E 51 27.93 -9.60 -19.20
CA ILE E 51 27.72 -8.56 -20.19
C ILE E 51 26.67 -7.60 -19.66
N SER E 52 27.05 -6.33 -19.53
CA SER E 52 26.10 -5.33 -19.07
C SER E 52 25.00 -5.08 -20.09
N THR E 53 23.86 -4.58 -19.60
CA THR E 53 22.73 -4.37 -20.49
C THR E 53 23.02 -3.60 -21.76
N GLY E 54 23.92 -2.61 -21.71
CA GLY E 54 24.19 -1.80 -22.87
C GLY E 54 25.02 -2.49 -23.93
N GLY E 55 25.70 -3.57 -23.57
CA GLY E 55 26.57 -4.31 -24.47
C GLY E 55 27.98 -4.47 -23.94
N ASN E 56 28.43 -3.55 -23.10
CA ASN E 56 29.76 -3.67 -22.51
C ASN E 56 29.84 -4.90 -21.63
N THR E 57 30.95 -5.63 -21.73
CA THR E 57 31.12 -6.91 -21.05
C THR E 57 32.27 -6.85 -20.08
N GLY E 58 32.26 -7.79 -19.14
CA GLY E 58 33.39 -8.00 -18.25
C GLY E 58 33.70 -9.47 -18.11
N TYR E 59 34.90 -9.88 -18.53
CA TYR E 59 35.24 -11.29 -18.59
C TYR E 59 36.04 -11.72 -17.37
N ASN E 60 36.15 -13.03 -17.21
CA ASN E 60 37.04 -13.59 -16.21
C ASN E 60 38.48 -13.48 -16.71
N PRO E 61 39.33 -12.66 -16.09
CA PRO E 61 40.69 -12.47 -16.61
C PRO E 61 41.47 -13.76 -16.79
N ALA E 62 41.19 -14.79 -15.98
CA ALA E 62 41.86 -16.06 -16.18
C ALA E 62 41.41 -16.72 -17.48
N LEU E 63 40.09 -16.84 -17.67
CA LEU E 63 39.52 -17.42 -18.88
C LEU E 63 39.28 -16.00 -19.36
N LYS E 64 40.02 -15.56 -20.37
CA LYS E 64 39.91 -14.21 -20.89
C LYS E 64 40.47 -14.66 -22.24
N SER E 65 40.09 -13.92 -23.29
CA SER E 65 40.63 -14.09 -24.63
C SER E 65 40.24 -15.43 -25.25
N ARG E 66 39.55 -16.28 -24.49
CA ARG E 66 39.10 -17.57 -24.96
C ARG E 66 37.60 -17.61 -25.23
N LEU E 67 36.87 -16.56 -24.86
CA LEU E 67 35.42 -16.56 -24.99
C LEU E 67 34.97 -15.26 -25.63
N SER E 68 33.68 -15.19 -25.93
CA SER E 68 33.08 -13.98 -26.48
C SER E 68 31.65 -14.13 -25.96
N ILE E 69 31.09 -13.04 -25.46
CA ILE E 69 29.73 -13.03 -24.94
C ILE E 69 29.09 -11.91 -25.75
N THR E 70 28.15 -12.26 -26.61
CA THR E 70 27.44 -11.29 -27.43
C THR E 70 25.96 -11.41 -27.16
N LYS E 71 25.32 -10.26 -26.93
CA LYS E 71 23.91 -10.20 -26.61
C LYS E 71 23.17 -9.49 -27.73
N ASP E 72 21.95 -9.94 -28.00
CA ASP E 72 21.08 -9.31 -28.99
C ASP E 72 19.75 -8.94 -28.33
N ASN E 73 19.33 -7.69 -28.52
CA ASN E 73 18.10 -7.23 -27.89
C ASN E 73 16.87 -7.71 -28.65
N SER E 74 16.99 -7.92 -29.96
CA SER E 74 15.84 -8.32 -30.77
C SER E 74 15.42 -9.74 -30.47
N LYS E 75 16.32 -10.70 -30.71
CA LYS E 75 16.02 -12.11 -30.55
C LYS E 75 15.73 -12.49 -29.09
N ASN E 76 16.13 -11.66 -28.14
CA ASN E 76 15.91 -11.93 -26.71
C ASN E 76 16.64 -13.20 -26.30
N GLN E 77 17.93 -13.25 -26.63
CA GLN E 77 18.80 -14.36 -26.27
C GLN E 77 20.20 -13.82 -26.04
N VAL E 78 21.08 -14.69 -25.56
CA VAL E 78 22.48 -14.32 -25.31
C VAL E 78 23.35 -15.51 -25.68
N SER E 79 24.55 -15.22 -26.20
CA SER E 79 25.44 -16.25 -26.75
C SER E 79 26.78 -16.21 -26.04
N LEU E 80 27.44 -17.37 -25.97
CA LEU E 80 28.74 -17.52 -25.37
C LEU E 80 29.57 -18.44 -26.25
N SER E 81 30.67 -17.93 -26.80
CA SER E 81 31.51 -18.68 -27.73
C SER E 81 32.87 -18.93 -27.08
N LEU E 82 33.02 -20.09 -26.46
CA LEU E 82 34.26 -20.47 -25.79
C LEU E 82 35.26 -20.96 -26.83
N SER E 83 36.55 -20.91 -26.46
CA SER E 83 37.62 -21.30 -27.36
C SER E 83 37.67 -22.76 -27.77
N SER E 84 37.56 -23.66 -26.79
CA SER E 84 37.61 -25.09 -27.06
C SER E 84 37.30 -25.81 -25.74
N VAL E 85 37.23 -27.13 -25.82
CA VAL E 85 36.89 -27.97 -24.69
C VAL E 85 38.05 -28.86 -24.28
N THR E 86 38.26 -29.00 -22.97
CA THR E 86 39.26 -29.91 -22.43
C THR E 86 38.66 -30.68 -21.26
N THR E 87 39.45 -31.57 -20.65
CA THR E 87 38.95 -32.31 -19.50
C THR E 87 38.39 -31.44 -18.37
N GLU E 88 38.84 -30.19 -18.28
CA GLU E 88 38.33 -29.30 -17.25
C GLU E 88 37.13 -28.49 -17.72
N ASP E 89 37.00 -28.32 -19.04
CA ASP E 89 35.95 -27.43 -19.55
C ASP E 89 34.57 -28.03 -19.38
N THR E 90 34.46 -29.34 -19.28
CA THR E 90 33.16 -29.97 -19.07
C THR E 90 32.61 -29.58 -17.71
N ALA E 91 31.38 -29.07 -17.70
CA ALA E 91 30.78 -28.56 -16.48
C ALA E 91 29.30 -28.29 -16.73
N THR E 92 28.54 -28.24 -15.65
CA THR E 92 27.14 -27.84 -15.75
C THR E 92 27.05 -26.33 -15.88
N TYR E 93 26.60 -25.86 -17.04
CA TYR E 93 26.56 -24.43 -17.33
C TYR E 93 25.21 -23.85 -16.96
N TYR E 94 25.23 -22.59 -16.52
CA TYR E 94 24.03 -21.92 -16.05
C TYR E 94 24.05 -20.44 -16.41
N CYS E 95 22.85 -19.90 -16.62
CA CYS E 95 22.64 -18.47 -16.79
C CYS E 95 22.07 -17.69 -15.62
N THR E 96 22.52 -16.44 -15.48
CA THR E 96 22.15 -15.62 -14.34
C THR E 96 21.45 -14.35 -14.80
N LYS E 97 20.52 -13.87 -13.98
CA LYS E 97 19.87 -12.57 -14.20
C LYS E 97 20.22 -11.73 -12.99
N SER E 98 21.30 -10.95 -13.11
CA SER E 98 21.66 -10.09 -12.01
C SER E 98 20.77 -8.86 -11.99
N ILE E 99 20.43 -8.42 -10.79
CA ILE E 99 20.00 -7.04 -10.59
C ILE E 99 21.25 -6.20 -10.77
N HIS E 100 21.11 -4.88 -10.83
CA HIS E 100 22.22 -3.98 -11.14
C HIS E 100 22.81 -4.30 -12.51
N SER E 101 22.02 -4.00 -13.54
CA SER E 101 22.37 -4.34 -14.91
C SER E 101 23.78 -4.05 -15.42
N TYR E 102 24.38 -2.96 -14.97
CA TYR E 102 25.79 -2.74 -15.30
C TYR E 102 26.51 -3.18 -14.04
N SER E 103 27.59 -3.93 -14.22
CA SER E 103 28.43 -4.39 -13.09
C SER E 103 29.59 -3.39 -12.91
N VAL E 104 29.73 -2.83 -11.71
CA VAL E 104 30.81 -1.84 -11.43
C VAL E 104 32.16 -2.52 -11.63
N PHE E 105 32.30 -3.77 -11.16
CA PHE E 105 33.55 -4.57 -11.33
C PHE E 105 33.18 -5.94 -11.90
N GLU E 106 34.12 -6.55 -12.62
CA GLU E 106 33.90 -7.86 -13.29
C GLU E 106 33.61 -8.95 -12.25
N TYR E 107 34.47 -9.06 -11.23
CA TYR E 107 34.30 -10.09 -10.17
C TYR E 107 33.14 -9.70 -9.24
N THR E 108 32.74 -8.42 -9.30
CA THR E 108 31.65 -7.87 -8.44
C THR E 108 30.31 -8.56 -8.75
N TYR E 109 30.05 -8.83 -10.03
CA TYR E 109 28.76 -9.44 -10.47
C TYR E 109 28.55 -10.81 -9.83
N MET E 110 29.61 -11.62 -9.75
CA MET E 110 29.53 -13.00 -9.19
C MET E 110 28.59 -12.94 -7.98
N GLN E 111 28.74 -11.93 -7.11
CA GLN E 111 27.87 -11.80 -5.92
C GLN E 111 26.36 -11.65 -6.17
N TYR E 112 25.97 -10.81 -7.13
CA TYR E 112 24.53 -10.60 -7.44
C TYR E 112 24.11 -11.56 -8.57
N ALA F 4 37.84 -21.36 -4.40
CA ALA F 4 38.09 -22.04 -3.13
C ALA F 4 38.91 -21.16 -2.20
N VAL F 5 39.04 -19.88 -2.56
CA VAL F 5 39.74 -18.93 -1.70
C VAL F 5 39.01 -18.80 -0.37
N LEU F 6 37.70 -18.53 -0.43
CA LEU F 6 36.87 -18.62 0.76
C LEU F 6 36.87 -20.05 1.28
N THR F 7 37.03 -20.21 2.59
CA THR F 7 37.07 -21.52 3.23
C THR F 7 35.74 -21.18 3.88
N GLN F 8 34.92 -22.20 4.10
CA GLN F 8 33.63 -22.01 4.74
C GLN F 8 33.69 -23.35 5.45
N PRO F 9 32.86 -23.55 6.49
CA PRO F 9 32.75 -24.88 7.11
C PRO F 9 32.62 -25.92 6.00
N SER F 10 33.44 -26.95 6.07
CA SER F 10 33.40 -27.99 5.04
C SER F 10 32.14 -28.81 5.22
N SER F 11 31.62 -28.89 6.44
CA SER F 11 30.35 -29.55 6.72
C SER F 11 29.83 -29.04 8.05
N VAL F 12 28.51 -28.98 8.16
CA VAL F 12 27.85 -28.56 9.39
C VAL F 12 26.57 -29.36 9.56
N SER F 13 26.28 -29.76 10.79
CA SER F 13 25.17 -30.65 11.10
C SER F 13 24.03 -29.84 11.72
N GLY F 14 22.79 -30.19 11.34
CA GLY F 14 21.63 -29.49 11.85
C GLY F 14 20.53 -30.46 12.23
N SER F 15 19.52 -29.91 12.90
CA SER F 15 18.34 -30.65 13.31
C SER F 15 17.15 -29.72 13.23
N LEU F 16 15.96 -30.32 13.11
CA LEU F 16 14.75 -29.52 12.95
C LEU F 16 14.43 -28.77 14.24
N GLY F 17 14.11 -27.48 14.11
CA GLY F 17 13.62 -26.73 15.23
C GLY F 17 14.49 -25.57 15.68
N GLN F 18 15.81 -25.71 15.59
CA GLN F 18 16.73 -24.72 16.13
C GLN F 18 17.41 -23.93 15.02
N ARG F 19 18.08 -22.86 15.43
CA ARG F 19 18.72 -21.92 14.50
C ARG F 19 20.15 -22.37 14.24
N VAL F 20 20.44 -22.70 12.98
CA VAL F 20 21.77 -23.10 12.56
C VAL F 20 22.27 -22.09 11.55
N SER F 21 23.40 -21.47 11.84
CA SER F 21 24.05 -20.52 10.95
C SER F 21 25.33 -21.12 10.39
N ILE F 22 25.83 -20.50 9.32
CA ILE F 22 27.03 -20.95 8.65
C ILE F 22 27.91 -19.75 8.38
N THR F 23 29.06 -19.70 9.01
CA THR F 23 30.02 -18.64 8.74
C THR F 23 30.66 -18.87 7.37
N CYS F 24 31.39 -17.85 6.91
CA CYS F 24 32.09 -17.90 5.63
C CYS F 24 33.34 -17.30 6.26
N SER F 25 34.51 -17.82 5.88
CA SER F 25 35.76 -17.42 6.50
C SER F 25 36.29 -16.56 5.37
N GLY F 26 36.42 -15.26 5.64
CA GLY F 26 36.99 -14.35 4.67
C GLY F 26 37.94 -13.36 5.32
N SER F 27 38.31 -12.33 4.58
CA SER F 27 39.27 -11.35 5.08
C SER F 27 38.92 -9.99 4.52
N SER F 28 39.65 -8.98 4.98
CA SER F 28 39.44 -7.60 4.54
C SER F 28 39.68 -7.42 3.05
N ASN F 29 40.35 -8.36 2.39
CA ASN F 29 40.43 -8.31 0.94
C ASN F 29 39.08 -8.44 0.25
N ASN F 30 38.37 -9.51 0.53
CA ASN F 30 37.13 -9.82 -0.18
C ASN F 30 35.82 -9.73 0.59
N ILE F 31 35.82 -10.13 1.86
CA ILE F 31 34.55 -10.08 2.65
C ILE F 31 34.55 -8.82 3.51
N GLY F 32 35.75 -8.26 3.77
CA GLY F 32 35.87 -7.05 4.60
C GLY F 32 35.21 -5.83 3.97
N ARG F 33 35.39 -5.62 2.66
CA ARG F 33 34.80 -4.44 2.01
C ARG F 33 33.78 -4.82 0.91
N TYR F 34 33.66 -6.11 0.58
CA TYR F 34 32.68 -6.52 -0.46
C TYR F 34 31.67 -7.50 0.13
N ASP F 35 30.42 -7.35 -0.31
CA ASP F 35 29.22 -8.13 0.10
C ASP F 35 29.27 -9.53 -0.52
N VAL F 36 28.75 -10.53 0.20
CA VAL F 36 28.79 -11.94 -0.30
C VAL F 36 27.39 -12.40 -0.68
N GLY F 37 27.31 -13.62 -1.24
CA GLY F 37 26.09 -14.27 -1.68
C GLY F 37 26.05 -15.69 -1.21
N TRP F 38 24.83 -16.22 -1.07
CA TRP F 38 24.61 -17.56 -0.55
C TRP F 38 23.72 -18.32 -1.51
N TYR F 39 24.26 -19.38 -2.11
CA TYR F 39 23.51 -20.18 -3.06
C TYR F 39 23.23 -21.56 -2.47
N GLN F 40 22.09 -22.12 -2.84
CA GLN F 40 21.67 -23.44 -2.36
C GLN F 40 21.58 -24.40 -3.53
N GLN F 41 22.24 -25.56 -3.37
CA GLN F 41 22.27 -26.60 -4.45
C GLN F 41 21.87 -27.96 -3.88
N ILE F 42 20.79 -28.54 -4.42
CA ILE F 42 20.29 -29.90 -4.02
C ILE F 42 21.12 -30.96 -4.75
N PRO F 43 21.10 -32.24 -4.34
CA PRO F 43 21.88 -33.28 -5.02
C PRO F 43 21.47 -33.48 -6.48
N GLY F 44 20.16 -33.46 -6.77
CA GLY F 44 19.63 -33.68 -8.13
C GLY F 44 19.25 -32.39 -8.84
N SER F 45 19.59 -31.23 -8.27
CA SER F 45 19.24 -29.92 -8.87
C SER F 45 20.48 -29.03 -8.99
N GLY F 46 20.36 -27.90 -9.70
CA GLY F 46 21.51 -26.97 -9.86
C GLY F 46 21.60 -25.95 -8.73
N LEU F 47 21.82 -24.68 -9.07
CA LEU F 47 21.93 -23.63 -8.06
C LEU F 47 20.61 -22.89 -7.91
N ARG F 48 20.49 -22.17 -6.80
CA ARG F 48 19.33 -21.34 -6.51
C ARG F 48 20.06 -20.30 -5.69
N THR F 49 19.48 -19.11 -5.57
CA THR F 49 20.16 -18.00 -4.92
C THR F 49 19.29 -17.92 -3.67
N ILE F 50 19.94 -17.83 -2.51
CA ILE F 50 19.25 -17.70 -1.24
C ILE F 50 19.35 -16.29 -0.70
N ILE F 51 20.56 -15.73 -0.66
CA ILE F 51 20.81 -14.39 -0.16
C ILE F 51 21.77 -13.72 -1.12
N TYR F 52 21.25 -12.81 -1.94
CA TYR F 52 22.10 -11.94 -2.75
C TYR F 52 22.25 -10.63 -2.03
N ALA F 53 23.31 -9.88 -2.36
CA ALA F 53 23.68 -8.64 -1.70
C ALA F 53 23.94 -8.82 -0.21
N SER F 54 24.03 -10.10 0.18
CA SER F 54 24.26 -10.63 1.56
C SER F 54 23.02 -10.53 2.46
N LYS F 55 22.53 -9.32 2.73
CA LYS F 55 21.38 -9.15 3.67
C LYS F 55 20.01 -9.16 2.96
N ASN F 56 19.98 -9.26 1.63
CA ASN F 56 18.67 -9.23 0.91
C ASN F 56 18.16 -10.66 0.65
N ARG F 57 16.86 -10.82 0.41
CA ARG F 57 16.29 -12.13 0.13
C ARG F 57 15.44 -12.03 -1.14
N PRO F 58 15.68 -12.85 -2.15
CA PRO F 58 14.96 -12.70 -3.41
C PRO F 58 13.55 -13.26 -3.35
N SER F 59 12.77 -12.98 -4.40
CA SER F 59 11.40 -13.48 -4.47
C SER F 59 11.26 -15.00 -4.38
N GLY F 60 10.45 -15.46 -3.44
CA GLY F 60 10.13 -16.86 -3.34
C GLY F 60 10.85 -17.62 -2.24
N VAL F 61 11.82 -17.00 -1.58
CA VAL F 61 12.56 -17.68 -0.51
C VAL F 61 11.78 -17.51 0.78
N PRO F 62 11.54 -18.59 1.53
CA PRO F 62 10.79 -18.47 2.78
C PRO F 62 11.48 -17.53 3.75
N ASP F 63 10.68 -16.88 4.60
CA ASP F 63 11.17 -15.90 5.55
C ASP F 63 12.23 -16.45 6.48
N ARG F 64 12.33 -17.78 6.62
CA ARG F 64 13.38 -18.37 7.44
C ARG F 64 14.76 -17.78 7.23
N PHE F 65 15.28 -17.89 6.01
CA PHE F 65 16.67 -17.54 5.75
C PHE F 65 16.93 -16.07 6.02
N SER F 66 17.95 -15.80 6.83
CA SER F 66 18.39 -14.46 7.11
C SER F 66 19.89 -14.37 6.85
N GLY F 67 20.30 -13.29 6.21
CA GLY F 67 21.70 -13.13 5.89
C GLY F 67 22.33 -11.98 6.66
N SER F 68 23.37 -12.29 7.42
CA SER F 68 24.07 -11.30 8.23
C SER F 68 25.53 -11.25 7.79
N ARG F 69 26.01 -10.05 7.48
CA ARG F 69 27.40 -9.82 7.10
C ARG F 69 28.18 -9.13 8.21
N SER F 70 27.55 -8.94 9.37
CA SER F 70 28.22 -8.28 10.48
C SER F 70 29.53 -8.99 10.83
N GLY F 71 30.63 -8.24 10.79
CA GLY F 71 31.93 -8.81 11.04
C GLY F 71 32.62 -9.26 9.77
N ASN F 72 33.83 -9.77 9.97
CA ASN F 72 34.69 -10.19 8.87
C ASN F 72 34.32 -11.56 8.31
N THR F 73 33.28 -12.20 8.84
CA THR F 73 32.84 -13.50 8.36
C THR F 73 31.33 -13.44 8.18
N ALA F 74 30.87 -13.57 6.94
CA ALA F 74 29.45 -13.57 6.66
C ALA F 74 28.80 -14.82 7.23
N THR F 75 27.59 -14.67 7.77
CA THR F 75 26.87 -15.78 8.38
C THR F 75 25.49 -15.88 7.75
N LEU F 76 25.17 -17.05 7.23
CA LEU F 76 23.83 -17.37 6.76
C LEU F 76 23.06 -18.00 7.90
N THR F 77 22.11 -17.27 8.46
CA THR F 77 21.38 -17.70 9.64
C THR F 77 19.99 -18.17 9.24
N ILE F 78 19.70 -19.44 9.49
CA ILE F 78 18.39 -20.02 9.26
C ILE F 78 17.64 -20.00 10.58
N SER F 79 16.37 -19.60 10.55
CA SER F 79 15.58 -19.56 11.78
C SER F 79 15.38 -20.95 12.34
N SER F 80 14.76 -21.84 11.57
CA SER F 80 14.49 -23.21 12.01
C SER F 80 14.70 -24.13 10.80
N LEU F 81 15.79 -24.89 10.84
CA LEU F 81 16.08 -25.82 9.74
C LEU F 81 14.91 -26.77 9.55
N GLN F 82 14.64 -27.13 8.30
CA GLN F 82 13.57 -28.04 7.94
C GLN F 82 14.13 -29.21 7.16
N ALA F 83 13.36 -30.30 7.14
CA ALA F 83 13.86 -31.55 6.57
C ALA F 83 14.16 -31.41 5.08
N GLU F 84 13.48 -30.51 4.39
CA GLU F 84 13.73 -30.31 2.97
C GLU F 84 14.87 -29.33 2.72
N ASP F 85 15.12 -28.42 3.66
CA ASP F 85 16.13 -27.39 3.45
C ASP F 85 17.23 -28.29 4.00
N GLU F 86 17.93 -29.04 3.15
CA GLU F 86 19.07 -29.80 3.61
C GLU F 86 19.58 -29.64 2.19
N ALA F 87 20.72 -29.00 2.04
CA ALA F 87 21.32 -28.78 0.73
C ALA F 87 22.71 -28.17 0.95
N ASP F 88 23.49 -28.14 -0.13
CA ASP F 88 24.86 -27.57 -0.12
C ASP F 88 24.74 -26.05 -0.35
N TYR F 89 25.37 -25.26 0.52
CA TYR F 89 25.34 -23.77 0.40
C TYR F 89 26.70 -23.28 -0.08
N PHE F 90 26.72 -22.26 -0.94
CA PHE F 90 27.99 -21.73 -1.51
C PHE F 90 28.16 -20.26 -1.13
N CYS F 91 29.40 -19.78 -1.15
CA CYS F 91 29.74 -18.37 -0.81
C CYS F 91 30.16 -17.61 -2.06
N ALA F 92 29.52 -16.47 -2.33
CA ALA F 92 29.88 -15.63 -3.50
C ALA F 92 30.31 -14.25 -2.98
N THR F 93 31.51 -13.80 -3.35
CA THR F 93 32.00 -12.47 -2.91
C THR F 93 33.06 -11.96 -3.90
N GLY F 94 33.33 -10.65 -3.88
CA GLY F 94 34.33 -10.05 -4.79
C GLY F 94 35.58 -9.63 -4.04
N ASP F 95 36.75 -10.07 -4.53
CA ASP F 95 38.05 -9.75 -3.89
C ASP F 95 38.80 -8.74 -4.77
N TYR F 96 39.29 -7.65 -4.16
CA TYR F 96 40.03 -6.60 -4.90
C TYR F 96 41.34 -7.15 -5.48
N SER F 97 42.00 -8.05 -4.75
CA SER F 97 43.34 -8.59 -5.16
C SER F 97 43.31 -9.40 -6.46
N SER F 98 42.28 -10.22 -6.69
CA SER F 98 42.23 -11.07 -7.92
C SER F 98 40.97 -10.77 -8.74
N SER F 99 41.12 -10.60 -10.05
CA SER F 99 39.95 -10.24 -10.89
C SER F 99 38.86 -11.32 -10.78
N THR F 100 39.25 -12.60 -10.79
CA THR F 100 38.26 -13.70 -10.64
C THR F 100 37.70 -13.66 -9.22
N SER F 101 36.37 -13.84 -9.07
CA SER F 101 35.73 -13.81 -7.72
C SER F 101 36.01 -15.12 -6.97
N VAL F 102 35.85 -15.11 -5.64
CA VAL F 102 36.13 -16.34 -4.84
C VAL F 102 34.81 -17.06 -4.57
N PHE F 103 34.82 -18.39 -4.65
CA PHE F 103 33.60 -19.21 -4.41
C PHE F 103 33.85 -20.21 -3.26
N GLY F 104 32.93 -20.25 -2.30
CA GLY F 104 33.03 -21.17 -1.15
C GLY F 104 32.92 -22.62 -1.59
N SER F 105 33.69 -23.52 -0.96
CA SER F 105 33.68 -24.96 -1.33
C SER F 105 32.29 -25.54 -1.10
N GLY F 106 31.66 -25.23 0.03
CA GLY F 106 30.30 -25.73 0.33
C GLY F 106 30.07 -25.91 1.82
N THR F 107 28.87 -26.37 2.20
CA THR F 107 28.46 -26.59 3.61
C THR F 107 27.43 -27.50 2.93
N THR F 108 27.11 -28.63 3.55
CA THR F 108 26.15 -29.58 3.00
C THR F 108 25.58 -29.83 4.39
N LEU F 109 24.28 -29.60 4.52
CA LEU F 109 23.60 -29.75 5.80
C LEU F 109 23.17 -31.20 6.04
N THR F 110 22.67 -31.45 7.24
CA THR F 110 22.08 -32.73 7.61
C THR F 110 20.87 -32.46 8.49
N VAL F 111 20.06 -33.49 8.70
CA VAL F 111 18.84 -33.35 9.47
C VAL F 111 19.01 -34.03 10.83
N LEU F 112 19.78 -35.13 10.85
CA LEU F 112 20.07 -35.88 12.07
C LEU F 112 18.81 -36.42 12.75
#